data_6VP0
#
_entry.id   6VP0
#
_cell.length_a   1.00
_cell.length_b   1.00
_cell.length_c   1.00
_cell.angle_alpha   90.00
_cell.angle_beta   90.00
_cell.angle_gamma   90.00
#
_symmetry.space_group_name_H-M   'P 1'
#
loop_
_entity.id
_entity.type
_entity.pdbx_description
1 polymer 'Diacylglycerol O-acyltransferase 1'
2 non-polymer '(2S)-3-(hexadecanoyloxy)-2-[(9Z)-octadec-9-enoyloxy]propyl 2-(trimethylammonio)ethyl phosphate'
3 non-polymer O-[(R)-{[(2R)-2,3-bis(octadecanoyloxy)propyl]oxy}(hydroxy)phosphoryl]-L-serine
4 non-polymer 'S-{(3R,5R,9R)-1-[(2R,3S,4R,5R)-5-(6-amino-9H-purin-9-yl)-4-hydroxy-3-(phosphonooxy)tetrahydrofuran-2-yl]-3,5,9-trihydroxy-8,8-dimethyl-3,5-dioxido-10,14-dioxo-2,4,6-trioxa-11,15-diaza-3lambda~5~,5lambda~5~-diphosphaheptadecan-17-yl} (9Z)-octadec-9-enethioate (non-preferred name)'
5 non-polymer 'Lauryl Maltose Neopentyl Glycol'
#
_entity_poly.entity_id   1
_entity_poly.type   'polypeptide(L)'
_entity_poly.pdbx_seq_one_letter_code
;MGDRGSSRRRRTGSRPSSHGGGGPAAAEEEVRDAAAGPDVGAAGDAPAPAPNKDGDAGVGSGHWELRCHRLQDSLFSSDS
GFSNYRGILNWCVVMLILSNARLFLENLIKYGILVDPIQVVSLFLKDPYSWPAPCLVIAANVFAVAAFQVEKRLAVGALT
EQAGLLLHVANLATILCFPAAVVLLVESITPVGSLLALMAHTILFLKLFSYRDVNSWCRRARAKAASAGKKASSAAAPHT
VSYPDNLTYRDLYYFLFAPTLCYELNFPRSPRIRKRFLLRRILEMLFFTQLQVGLIQQWMVPTIQNSMKPFKDMDYSRII
ERLLKLAVPNHLIWLIFFYWLFHSCLNAVAELMQFGDREFYRDWWNSESVTYFWQNWNIPVHKWCIRHFYKPMLRRGSSK
WMARTGVFLASAFFHEYLVSVPLRMFRLWAFTGMMAQIPLAWFVGRFFQGNYGNAAVWLSLIIGQPIAVLMYVHDYYVLN
YEAPAAEA
;
_entity_poly.pdbx_strand_id   C,E
#
# COMPACT_ATOMS: atom_id res chain seq x y z
N TRP A 64 -27.86 -32.69 -9.11
CA TRP A 64 -27.30 -31.37 -8.81
C TRP A 64 -25.92 -31.51 -8.17
N GLU A 65 -25.29 -32.66 -8.39
CA GLU A 65 -23.99 -32.98 -7.80
C GLU A 65 -22.83 -32.28 -8.49
N LEU A 66 -23.10 -31.30 -9.34
CA LEU A 66 -22.07 -30.67 -10.15
C LEU A 66 -21.06 -29.93 -9.28
N ARG A 67 -19.91 -29.64 -9.87
CA ARG A 67 -18.73 -29.16 -9.14
C ARG A 67 -18.66 -27.64 -9.12
N CYS A 68 -17.88 -27.12 -8.16
CA CYS A 68 -17.68 -25.69 -8.03
C CYS A 68 -16.23 -25.27 -7.80
N HIS A 69 -15.31 -26.20 -7.59
CA HIS A 69 -13.91 -25.88 -7.38
C HIS A 69 -13.14 -25.95 -8.70
N ARG A 70 -12.08 -25.15 -8.79
CA ARG A 70 -11.23 -25.14 -9.97
C ARG A 70 -9.86 -24.60 -9.60
N LEU A 71 -8.84 -25.08 -10.30
CA LEU A 71 -7.47 -24.70 -9.99
C LEU A 71 -7.29 -23.19 -10.10
N GLN A 72 -6.77 -22.58 -9.05
CA GLN A 72 -6.59 -21.15 -8.98
C GLN A 72 -5.37 -20.86 -8.12
N ASP A 73 -5.24 -19.61 -7.69
CA ASP A 73 -4.21 -19.23 -6.73
C ASP A 73 -4.63 -17.93 -6.08
N SER A 74 -4.27 -17.78 -4.80
CA SER A 74 -4.70 -16.62 -4.03
C SER A 74 -4.20 -15.34 -4.68
N LEU A 75 -4.92 -14.24 -4.43
CA LEU A 75 -4.64 -12.99 -5.12
C LEU A 75 -3.26 -12.44 -4.76
N PHE A 76 -2.85 -12.60 -3.50
CA PHE A 76 -1.58 -12.03 -3.07
C PHE A 76 -0.38 -12.77 -3.65
N SER A 77 -0.54 -14.02 -4.04
CA SER A 77 0.59 -14.77 -4.59
C SER A 77 0.96 -14.23 -5.96
N SER A 78 2.28 -14.22 -6.23
CA SER A 78 2.76 -13.63 -7.47
C SER A 78 2.32 -14.40 -8.70
N ASP A 79 1.94 -15.67 -8.54
CA ASP A 79 1.47 -16.47 -9.66
C ASP A 79 0.03 -16.17 -10.03
N SER A 80 -0.63 -15.26 -9.32
CA SER A 80 -2.03 -14.97 -9.61
C SER A 80 -2.18 -13.97 -10.76
N GLY A 81 -1.20 -13.10 -10.94
CA GLY A 81 -1.34 -12.06 -11.96
C GLY A 81 -2.33 -10.98 -11.60
N PHE A 82 -2.64 -10.81 -10.31
CA PHE A 82 -3.54 -9.76 -9.88
C PHE A 82 -2.77 -8.47 -9.67
N SER A 83 -3.40 -7.35 -10.00
CA SER A 83 -2.73 -6.06 -9.96
C SER A 83 -3.52 -4.95 -9.28
N ASN A 84 -4.85 -5.04 -9.22
CA ASN A 84 -5.67 -3.94 -8.73
C ASN A 84 -5.52 -3.80 -7.21
N TYR A 85 -4.76 -2.80 -6.77
CA TYR A 85 -4.53 -2.54 -5.36
C TYR A 85 -4.74 -1.08 -5.01
N ARG A 86 -5.83 -0.47 -5.51
CA ARG A 86 -6.11 0.91 -5.12
C ARG A 86 -6.61 0.99 -3.68
N GLY A 87 -7.17 -0.09 -3.17
CA GLY A 87 -7.61 -0.10 -1.79
C GLY A 87 -6.48 0.14 -0.81
N ILE A 88 -5.27 -0.31 -1.13
CA ILE A 88 -4.13 -0.07 -0.26
C ILE A 88 -3.83 1.42 -0.20
N LEU A 89 -3.89 2.10 -1.34
CA LEU A 89 -3.68 3.54 -1.37
C LEU A 89 -4.73 4.27 -0.54
N ASN A 90 -6.00 3.91 -0.74
CA ASN A 90 -7.04 4.54 0.06
C ASN A 90 -6.88 4.26 1.54
N TRP A 91 -6.36 3.08 1.89
CA TRP A 91 -6.12 2.77 3.28
C TRP A 91 -5.03 3.66 3.86
N CYS A 92 -3.93 3.84 3.12
CA CYS A 92 -2.88 4.73 3.59
C CYS A 92 -3.41 6.14 3.80
N VAL A 93 -4.22 6.64 2.86
CA VAL A 93 -4.77 7.98 3.00
C VAL A 93 -5.66 8.08 4.23
N VAL A 94 -6.55 7.10 4.42
CA VAL A 94 -7.47 7.13 5.55
C VAL A 94 -6.71 7.06 6.86
N MET A 95 -5.67 6.23 6.92
CA MET A 95 -4.90 6.12 8.16
C MET A 95 -4.18 7.42 8.47
N LEU A 96 -3.55 8.03 7.46
CA LEU A 96 -2.87 9.30 7.68
C LEU A 96 -3.84 10.36 8.19
N ILE A 97 -5.00 10.45 7.56
CA ILE A 97 -5.99 11.45 7.97
C ILE A 97 -6.45 11.20 9.39
N LEU A 98 -6.87 9.97 9.68
CA LEU A 98 -7.38 9.66 11.02
C LEU A 98 -6.33 9.91 12.09
N SER A 99 -5.05 9.70 11.76
CA SER A 99 -4.02 9.84 12.77
C SER A 99 -3.61 11.30 12.98
N ASN A 100 -3.61 12.11 11.91
CA ASN A 100 -3.01 13.43 12.00
C ASN A 100 -3.97 14.58 11.72
N ALA A 101 -5.28 14.33 11.66
CA ALA A 101 -6.20 15.39 11.30
C ALA A 101 -6.27 16.47 12.36
N ARG A 102 -6.33 16.08 13.64
CA ARG A 102 -6.42 17.08 14.71
C ARG A 102 -5.19 17.97 14.72
N LEU A 103 -4.00 17.37 14.60
CA LEU A 103 -2.77 18.15 14.60
C LEU A 103 -2.69 19.04 13.37
N PHE A 104 -3.09 18.52 12.21
CA PHE A 104 -3.05 19.34 11.00
C PHE A 104 -3.98 20.53 11.12
N LEU A 105 -5.19 20.32 11.64
CA LEU A 105 -6.13 21.42 11.81
C LEU A 105 -5.61 22.45 12.80
N GLU A 106 -5.04 21.98 13.92
CA GLU A 106 -4.50 22.90 14.92
C GLU A 106 -3.39 23.76 14.31
N ASN A 107 -2.42 23.12 13.66
CA ASN A 107 -1.30 23.85 13.10
C ASN A 107 -1.76 24.77 11.97
N LEU A 108 -2.75 24.34 11.19
CA LEU A 108 -3.26 25.17 10.12
C LEU A 108 -3.90 26.44 10.66
N ILE A 109 -4.75 26.30 11.67
CA ILE A 109 -5.35 27.47 12.30
C ILE A 109 -4.25 28.39 12.85
N LYS A 110 -3.33 27.81 13.63
CA LYS A 110 -2.27 28.57 14.27
C LYS A 110 -1.45 29.39 13.28
N TYR A 111 -0.95 28.74 12.22
CA TYR A 111 -0.10 29.44 11.27
C TYR A 111 -0.91 30.37 10.37
N GLY A 112 -2.06 29.90 9.86
CA GLY A 112 -2.82 30.69 8.92
C GLY A 112 -3.44 31.93 9.53
N ILE A 113 -3.58 31.95 10.86
CA ILE A 113 -4.08 33.19 11.47
C ILE A 113 -2.99 34.26 11.45
N LEU A 114 -1.76 33.89 11.11
CA LEU A 114 -0.67 34.84 10.92
C LEU A 114 -0.42 35.19 9.45
N VAL A 115 -1.31 34.81 8.54
CA VAL A 115 -1.05 35.05 7.12
C VAL A 115 -1.13 36.55 6.83
N ASP A 116 0.02 37.14 6.54
CA ASP A 116 0.13 38.56 6.20
C ASP A 116 1.02 38.71 4.99
N PRO A 117 0.53 38.33 3.81
CA PRO A 117 1.37 38.45 2.60
C PRO A 117 1.72 39.88 2.25
N ILE A 118 0.79 40.81 2.50
CA ILE A 118 1.08 42.22 2.26
C ILE A 118 2.26 42.68 3.11
N GLN A 119 2.36 42.17 4.33
CA GLN A 119 3.47 42.55 5.20
C GLN A 119 4.81 42.15 4.59
N VAL A 120 4.94 40.89 4.17
CA VAL A 120 6.23 40.42 3.66
C VAL A 120 6.52 41.04 2.31
N VAL A 121 5.48 41.31 1.50
CA VAL A 121 5.70 41.97 0.22
C VAL A 121 6.21 43.39 0.43
N SER A 122 5.59 44.13 1.35
CA SER A 122 6.08 45.47 1.67
C SER A 122 7.49 45.41 2.21
N LEU A 123 7.78 44.44 3.07
CA LEU A 123 9.13 44.31 3.63
C LEU A 123 10.16 44.10 2.53
N PHE A 124 9.87 43.23 1.58
CA PHE A 124 10.76 43.05 0.45
C PHE A 124 10.86 44.33 -0.39
N LEU A 125 9.79 45.12 -0.42
CA LEU A 125 9.82 46.35 -1.21
C LEU A 125 10.63 47.45 -0.55
N LYS A 126 10.78 47.42 0.78
CA LYS A 126 11.57 48.46 1.43
C LYS A 126 13.05 48.32 1.12
N ASP A 127 13.58 47.10 1.18
CA ASP A 127 15.00 46.85 0.91
C ASP A 127 15.10 45.57 0.10
N PRO A 128 15.25 45.68 -1.22
CA PRO A 128 15.30 44.47 -2.05
C PRO A 128 16.70 43.88 -2.13
N TYR A 129 17.72 44.70 -1.94
CA TYR A 129 19.10 44.22 -2.06
C TYR A 129 19.53 43.32 -0.92
N SER A 130 18.66 43.05 0.05
CA SER A 130 18.99 42.18 1.18
C SER A 130 18.41 40.79 1.02
N TRP A 131 17.66 40.52 -0.05
CA TRP A 131 17.04 39.22 -0.30
C TRP A 131 17.53 38.72 -1.65
N PRO A 132 18.69 38.07 -1.72
CA PRO A 132 19.24 37.71 -3.03
C PRO A 132 18.43 36.68 -3.78
N ALA A 133 17.76 35.74 -3.09
CA ALA A 133 17.09 34.67 -3.81
C ALA A 133 15.92 35.16 -4.65
N PRO A 134 14.98 35.96 -4.13
CA PRO A 134 13.93 36.49 -5.02
C PRO A 134 14.48 37.41 -6.08
N CYS A 135 15.58 38.13 -5.82
CA CYS A 135 16.18 38.94 -6.87
C CYS A 135 16.70 38.08 -8.01
N LEU A 136 17.26 36.91 -7.71
CA LEU A 136 17.70 36.01 -8.77
C LEU A 136 16.50 35.43 -9.52
N VAL A 137 15.47 35.00 -8.78
CA VAL A 137 14.28 34.47 -9.43
C VAL A 137 13.62 35.52 -10.32
N ILE A 138 13.78 36.81 -9.98
CA ILE A 138 13.24 37.86 -10.81
C ILE A 138 14.14 38.14 -12.01
N ALA A 139 15.47 38.14 -11.79
CA ALA A 139 16.41 38.44 -12.85
C ALA A 139 16.49 37.34 -13.91
N ALA A 140 15.97 36.15 -13.63
CA ALA A 140 15.89 35.13 -14.68
C ALA A 140 15.11 35.61 -15.90
N ASN A 141 14.16 36.52 -15.69
CA ASN A 141 13.38 37.06 -16.81
C ASN A 141 14.25 37.81 -17.80
N VAL A 142 15.40 38.35 -17.37
CA VAL A 142 16.29 39.02 -18.30
C VAL A 142 16.83 38.03 -19.33
N PHE A 143 17.28 36.86 -18.86
CA PHE A 143 17.74 35.83 -19.79
C PHE A 143 16.60 35.33 -20.66
N ALA A 144 15.40 35.18 -20.09
CA ALA A 144 14.24 34.79 -20.89
C ALA A 144 14.01 35.76 -22.03
N VAL A 145 13.96 37.05 -21.73
CA VAL A 145 13.72 38.06 -22.75
C VAL A 145 14.86 38.12 -23.76
N ALA A 146 16.10 37.88 -23.31
CA ALA A 146 17.23 37.86 -24.25
C ALA A 146 17.07 36.75 -25.26
N ALA A 147 16.76 35.54 -24.79
CA ALA A 147 16.54 34.43 -25.72
C ALA A 147 15.38 34.72 -26.66
N PHE A 148 14.29 35.28 -26.13
CA PHE A 148 13.15 35.58 -26.98
C PHE A 148 13.52 36.61 -28.05
N GLN A 149 14.31 37.62 -27.69
CA GLN A 149 14.70 38.63 -28.68
C GLN A 149 15.60 38.03 -29.74
N VAL A 150 16.52 37.15 -29.35
CA VAL A 150 17.36 36.47 -30.33
C VAL A 150 16.49 35.70 -31.31
N GLU A 151 15.49 34.98 -30.81
CA GLU A 151 14.64 34.19 -31.69
C GLU A 151 13.81 35.07 -32.60
N LYS A 152 13.23 36.14 -32.05
CA LYS A 152 12.39 37.03 -32.84
C LYS A 152 13.19 37.71 -33.94
N ARG A 153 14.46 38.02 -33.66
CA ARG A 153 15.32 38.57 -34.71
C ARG A 153 15.72 37.51 -35.72
N LEU A 154 15.87 36.26 -35.29
CA LEU A 154 16.21 35.19 -36.22
C LEU A 154 15.07 34.93 -37.20
N ALA A 155 13.83 35.04 -36.75
CA ALA A 155 12.69 34.82 -37.64
C ALA A 155 12.64 35.87 -38.74
N VAL A 156 12.49 37.13 -38.37
CA VAL A 156 12.51 38.26 -39.30
C VAL A 156 13.60 39.22 -38.85
N GLY A 157 14.51 39.54 -39.74
CA GLY A 157 15.65 40.38 -39.40
C GLY A 157 16.92 39.89 -40.05
N ALA A 158 16.87 38.70 -40.66
CA ALA A 158 17.97 38.12 -41.42
C ALA A 158 19.24 37.98 -40.57
N LEU A 159 19.08 37.76 -39.27
CA LEU A 159 20.24 37.51 -38.41
C LEU A 159 20.84 36.16 -38.78
N THR A 160 22.17 36.12 -38.90
CA THR A 160 22.85 34.91 -39.33
C THR A 160 22.63 33.80 -38.31
N GLU A 161 22.41 32.58 -38.82
CA GLU A 161 22.13 31.44 -37.94
C GLU A 161 23.30 31.09 -37.04
N GLN A 162 24.54 31.27 -37.52
CA GLN A 162 25.69 31.05 -36.66
C GLN A 162 25.76 32.08 -35.53
N ALA A 163 25.46 33.34 -35.84
CA ALA A 163 25.42 34.36 -34.79
C ALA A 163 24.32 34.06 -33.78
N GLY A 164 23.16 33.62 -34.26
CA GLY A 164 22.10 33.25 -33.33
C GLY A 164 22.48 32.08 -32.46
N LEU A 165 23.14 31.07 -33.03
CA LEU A 165 23.60 29.94 -32.24
C LEU A 165 24.61 30.37 -31.19
N LEU A 166 25.55 31.24 -31.56
CA LEU A 166 26.53 31.72 -30.60
C LEU A 166 25.86 32.50 -29.48
N LEU A 167 24.90 33.37 -29.82
CA LEU A 167 24.23 34.16 -28.80
C LEU A 167 23.41 33.27 -27.87
N HIS A 168 22.78 32.22 -28.42
CA HIS A 168 22.02 31.31 -27.57
C HIS A 168 22.93 30.53 -26.65
N VAL A 169 24.09 30.11 -27.15
CA VAL A 169 25.04 29.38 -26.30
C VAL A 169 25.54 30.29 -25.18
N ALA A 170 25.83 31.56 -25.51
CA ALA A 170 26.24 32.50 -24.48
C ALA A 170 25.15 32.71 -23.45
N ASN A 171 23.91 32.83 -23.89
CA ASN A 171 22.79 33.01 -22.97
C ASN A 171 22.64 31.82 -22.04
N LEU A 172 22.75 30.61 -22.57
CA LEU A 172 22.61 29.43 -21.73
C LEU A 172 23.76 29.29 -20.74
N ALA A 173 24.99 29.53 -21.21
CA ALA A 173 26.14 29.48 -20.31
C ALA A 173 25.99 30.50 -19.18
N THR A 174 25.49 31.69 -19.51
CA THR A 174 25.27 32.69 -18.47
C THR A 174 24.17 32.24 -17.51
N ILE A 175 23.10 31.65 -18.05
CA ILE A 175 22.02 31.14 -17.20
C ILE A 175 22.56 30.16 -16.18
N LEU A 176 23.50 29.30 -16.59
CA LEU A 176 24.06 28.36 -15.63
C LEU A 176 25.04 29.03 -14.67
N CYS A 177 25.87 29.94 -15.16
CA CYS A 177 27.01 30.42 -14.38
C CYS A 177 26.67 31.57 -13.44
N PHE A 178 25.65 32.37 -13.76
CA PHE A 178 25.39 33.55 -12.94
C PHE A 178 24.84 33.22 -11.55
N PRO A 179 23.79 32.40 -11.40
CA PRO A 179 23.32 32.09 -10.04
C PRO A 179 24.36 31.37 -9.20
N ALA A 180 25.16 30.49 -9.80
CA ALA A 180 26.21 29.83 -9.04
C ALA A 180 27.21 30.84 -8.49
N ALA A 181 27.60 31.81 -9.32
CA ALA A 181 28.55 32.83 -8.86
C ALA A 181 27.93 33.69 -7.76
N VAL A 182 26.69 34.14 -7.97
CA VAL A 182 26.04 34.98 -6.97
C VAL A 182 25.87 34.23 -5.65
N VAL A 183 25.63 32.92 -5.71
CA VAL A 183 25.44 32.15 -4.51
C VAL A 183 26.77 31.95 -3.78
N LEU A 184 27.81 31.53 -4.51
CA LEU A 184 29.09 31.28 -3.88
C LEU A 184 29.77 32.56 -3.40
N LEU A 185 29.38 33.71 -3.94
CA LEU A 185 30.02 34.96 -3.55
C LEU A 185 29.27 35.73 -2.48
N VAL A 186 27.94 35.73 -2.52
CA VAL A 186 27.14 36.44 -1.53
C VAL A 186 26.86 35.49 -0.38
N GLU A 187 27.44 35.78 0.78
CA GLU A 187 27.28 34.93 1.96
C GLU A 187 26.03 35.26 2.77
N SER A 188 25.21 36.20 2.31
CA SER A 188 24.01 36.61 3.03
C SER A 188 22.76 35.84 2.59
N ILE A 189 22.89 34.84 1.72
CA ILE A 189 21.75 34.13 1.17
C ILE A 189 21.58 32.81 1.93
N THR A 190 20.35 32.51 2.29
CA THR A 190 20.06 31.29 3.06
C THR A 190 20.22 30.05 2.18
N PRO A 191 20.65 28.94 2.76
CA PRO A 191 20.85 27.71 1.98
C PRO A 191 19.56 26.99 1.59
N VAL A 192 18.40 27.60 1.76
CA VAL A 192 17.15 27.05 1.25
C VAL A 192 16.49 27.95 0.22
N GLY A 193 16.88 29.23 0.15
CA GLY A 193 16.45 30.08 -0.93
C GLY A 193 17.43 29.95 -2.08
N SER A 194 18.68 29.64 -1.72
CA SER A 194 19.69 29.34 -2.74
C SER A 194 19.28 28.14 -3.57
N LEU A 195 18.73 27.11 -2.93
CA LEU A 195 18.28 25.92 -3.67
C LEU A 195 17.13 26.27 -4.60
N LEU A 196 16.22 27.13 -4.16
CA LEU A 196 15.11 27.53 -5.02
C LEU A 196 15.59 28.33 -6.21
N ALA A 197 16.54 29.25 -5.99
CA ALA A 197 17.08 30.00 -7.12
C ALA A 197 17.80 29.09 -8.10
N LEU A 198 18.59 28.14 -7.59
CA LEU A 198 19.30 27.24 -8.48
C LEU A 198 18.36 26.32 -9.24
N MET A 199 17.27 25.89 -8.60
CA MET A 199 16.28 25.07 -9.30
C MET A 199 15.57 25.87 -10.37
N ALA A 200 15.19 27.12 -10.06
CA ALA A 200 14.57 27.96 -11.06
C ALA A 200 15.48 28.16 -12.26
N HIS A 201 16.78 28.37 -12.02
CA HIS A 201 17.68 28.61 -13.13
C HIS A 201 17.98 27.34 -13.92
N THR A 202 18.03 26.18 -13.26
CA THR A 202 18.17 24.91 -13.99
C THR A 202 16.96 24.67 -14.88
N ILE A 203 15.76 24.84 -14.33
CA ILE A 203 14.55 24.64 -15.13
C ILE A 203 14.50 25.62 -16.28
N LEU A 204 14.89 26.87 -16.03
CA LEU A 204 14.93 27.86 -17.11
C LEU A 204 15.93 27.47 -18.18
N PHE A 205 17.08 26.93 -17.78
CA PHE A 205 18.06 26.50 -18.76
C PHE A 205 17.51 25.41 -19.66
N LEU A 206 16.91 24.38 -19.06
CA LEU A 206 16.35 23.30 -19.85
C LEU A 206 15.24 23.79 -20.78
N LYS A 207 14.34 24.63 -20.26
CA LYS A 207 13.24 25.13 -21.07
C LYS A 207 13.73 25.98 -22.22
N LEU A 208 14.76 26.80 -22.00
CA LEU A 208 15.25 27.64 -23.08
C LEU A 208 16.02 26.82 -24.11
N PHE A 209 16.72 25.78 -23.67
CA PHE A 209 17.31 24.84 -24.62
C PHE A 209 16.23 24.27 -25.54
N SER A 210 15.14 23.78 -24.95
CA SER A 210 14.07 23.21 -25.76
C SER A 210 13.45 24.26 -26.69
N TYR A 211 13.26 25.47 -26.19
CA TYR A 211 12.68 26.55 -26.99
C TYR A 211 13.52 26.81 -28.23
N ARG A 212 14.82 27.03 -28.05
CA ARG A 212 15.69 27.31 -29.18
C ARG A 212 15.75 26.13 -30.14
N ASP A 213 15.70 24.90 -29.60
CA ASP A 213 15.76 23.73 -30.47
C ASP A 213 14.53 23.62 -31.36
N VAL A 214 13.34 23.77 -30.76
CA VAL A 214 12.11 23.65 -31.53
C VAL A 214 12.00 24.77 -32.55
N ASN A 215 12.38 25.98 -32.17
CA ASN A 215 12.34 27.07 -33.14
C ASN A 215 13.34 26.87 -34.26
N SER A 216 14.49 26.27 -33.97
CA SER A 216 15.44 25.95 -35.04
C SER A 216 14.87 24.92 -35.99
N TRP A 217 14.22 23.88 -35.46
CA TRP A 217 13.59 22.89 -36.31
C TRP A 217 12.54 23.52 -37.22
N CYS A 218 11.69 24.37 -36.64
CA CYS A 218 10.63 25.00 -37.44
C CYS A 218 11.22 25.94 -38.49
N ARG A 219 12.27 26.68 -38.15
CA ARG A 219 12.91 27.55 -39.13
C ARG A 219 13.50 26.75 -40.28
N ARG A 220 14.24 25.69 -39.96
CA ARG A 220 14.79 24.85 -41.02
C ARG A 220 13.69 24.23 -41.88
N ALA A 221 12.53 23.96 -41.28
CA ALA A 221 11.40 23.46 -42.07
C ALA A 221 10.86 24.54 -43.00
N ARG A 222 10.78 25.78 -42.52
CA ARG A 222 10.23 26.87 -43.32
C ARG A 222 11.08 27.19 -44.54
N ALA A 223 12.32 26.71 -44.61
CA ALA A 223 13.15 26.97 -45.78
C ALA A 223 12.77 26.11 -46.97
N LYS A 224 11.87 25.15 -46.79
CA LYS A 224 11.45 24.28 -47.89
C LYS A 224 10.21 24.84 -48.57
N HIS A 239 -6.92 27.61 -33.65
CA HIS A 239 -6.91 26.17 -33.40
C HIS A 239 -5.51 25.60 -33.60
N THR A 240 -4.76 26.19 -34.52
CA THR A 240 -3.39 25.78 -34.77
C THR A 240 -2.58 27.01 -35.17
N VAL A 241 -1.28 26.96 -34.88
CA VAL A 241 -0.38 28.09 -35.11
C VAL A 241 0.81 27.61 -35.93
N SER A 242 1.20 28.40 -36.92
CA SER A 242 2.39 28.11 -37.71
C SER A 242 3.63 28.57 -36.95
N TYR A 243 4.77 28.58 -37.63
CA TYR A 243 6.00 28.99 -36.95
C TYR A 243 6.05 30.48 -36.63
N PRO A 244 6.07 31.39 -37.61
CA PRO A 244 6.41 32.79 -37.28
C PRO A 244 5.41 33.48 -36.36
N ASP A 245 4.23 32.91 -36.16
CA ASP A 245 3.21 33.51 -35.31
C ASP A 245 3.11 32.83 -33.95
N ASN A 246 4.18 32.15 -33.53
CA ASN A 246 4.25 31.58 -32.20
C ASN A 246 5.23 32.32 -31.31
N LEU A 247 5.85 33.39 -31.80
CA LEU A 247 6.85 34.15 -31.07
C LEU A 247 6.15 35.35 -30.44
N THR A 248 5.56 35.14 -29.28
CA THR A 248 4.93 36.21 -28.52
C THR A 248 5.23 36.01 -27.04
N TYR A 249 5.16 37.10 -26.28
CA TYR A 249 5.41 37.03 -24.85
C TYR A 249 4.37 36.18 -24.15
N ARG A 250 3.12 36.22 -24.62
CA ARG A 250 2.08 35.37 -24.05
C ARG A 250 2.48 33.89 -24.13
N ASP A 251 2.83 33.42 -25.33
CA ASP A 251 3.16 32.01 -25.50
C ASP A 251 4.44 31.65 -24.76
N LEU A 252 5.47 32.50 -24.87
CA LEU A 252 6.73 32.21 -24.20
C LEU A 252 6.54 32.08 -22.70
N TYR A 253 5.81 33.02 -22.10
CA TYR A 253 5.66 32.98 -20.65
C TYR A 253 4.69 31.88 -20.21
N TYR A 254 3.71 31.55 -21.04
CA TYR A 254 2.88 30.38 -20.74
C TYR A 254 3.74 29.12 -20.73
N PHE A 255 4.69 29.03 -21.66
CA PHE A 255 5.59 27.88 -21.67
C PHE A 255 6.50 27.88 -20.44
N LEU A 256 6.97 29.06 -20.04
CA LEU A 256 7.94 29.12 -18.94
C LEU A 256 7.33 28.66 -17.62
N PHE A 257 6.03 28.90 -17.41
CA PHE A 257 5.36 28.47 -16.19
C PHE A 257 4.70 27.11 -16.33
N ALA A 258 4.73 26.49 -17.50
CA ALA A 258 4.05 25.23 -17.71
C ALA A 258 4.85 24.07 -17.12
N PRO A 259 4.17 23.07 -16.57
CA PRO A 259 4.87 21.91 -15.98
C PRO A 259 5.38 20.94 -17.02
N THR A 260 6.28 21.43 -17.88
CA THR A 260 6.89 20.60 -18.90
C THR A 260 8.21 21.24 -19.31
N LEU A 261 9.12 20.40 -19.80
CA LEU A 261 10.43 20.86 -20.25
C LEU A 261 10.62 20.75 -21.75
N CYS A 262 9.62 20.27 -22.49
CA CYS A 262 9.69 20.14 -23.93
C CYS A 262 8.76 21.16 -24.56
N TYR A 263 9.31 22.02 -25.41
CA TYR A 263 8.53 23.07 -26.03
C TYR A 263 7.73 22.53 -27.21
N GLU A 264 6.51 23.01 -27.34
CA GLU A 264 5.68 22.74 -28.51
C GLU A 264 5.03 24.04 -28.94
N LEU A 265 4.45 24.03 -30.14
CA LEU A 265 3.76 25.22 -30.62
C LEU A 265 2.28 25.21 -30.29
N ASN A 266 1.68 24.04 -30.12
CA ASN A 266 0.28 23.91 -29.75
C ASN A 266 0.18 22.95 -28.56
N PHE A 267 -0.04 23.50 -27.39
CA PHE A 267 -0.20 22.64 -26.22
C PHE A 267 -1.63 22.12 -26.15
N PRO A 268 -1.82 20.89 -25.66
CA PRO A 268 -3.17 20.41 -25.40
C PRO A 268 -3.75 21.05 -24.15
N ARG A 269 -5.02 21.44 -24.23
CA ARG A 269 -5.66 22.20 -23.18
C ARG A 269 -6.82 21.44 -22.57
N SER A 270 -7.06 21.67 -21.28
CA SER A 270 -8.21 21.14 -20.60
C SER A 270 -9.42 22.03 -20.83
N PRO A 271 -10.63 21.50 -20.69
CA PRO A 271 -11.82 22.31 -21.01
C PRO A 271 -12.10 23.40 -20.00
N ARG A 272 -11.88 23.16 -18.71
CA ARG A 272 -12.22 24.13 -17.69
C ARG A 272 -11.37 23.87 -16.45
N ILE A 273 -11.38 24.83 -15.54
CA ILE A 273 -10.67 24.73 -14.28
C ILE A 273 -11.60 24.12 -13.24
N ARG A 274 -11.20 22.98 -12.68
CA ARG A 274 -12.00 22.28 -11.68
C ARG A 274 -11.63 22.79 -10.30
N LYS A 275 -12.58 23.45 -9.63
CA LYS A 275 -12.28 24.08 -8.35
C LYS A 275 -12.10 23.05 -7.23
N ARG A 276 -12.89 21.98 -7.25
CA ARG A 276 -12.70 20.92 -6.25
C ARG A 276 -11.33 20.27 -6.41
N PHE A 277 -10.89 20.10 -7.66
CA PHE A 277 -9.56 19.55 -7.90
C PHE A 277 -8.48 20.45 -7.31
N LEU A 278 -8.58 21.75 -7.56
CA LEU A 278 -7.61 22.69 -7.00
C LEU A 278 -7.63 22.66 -5.48
N LEU A 279 -8.82 22.59 -4.89
CA LEU A 279 -8.92 22.57 -3.43
C LEU A 279 -8.26 21.33 -2.87
N ARG A 280 -8.53 20.17 -3.47
CA ARG A 280 -7.91 18.94 -2.98
C ARG A 280 -6.40 18.98 -3.14
N ARG A 281 -5.90 19.54 -4.23
CA ARG A 281 -4.46 19.59 -4.43
C ARG A 281 -3.80 20.53 -3.42
N ILE A 282 -4.41 21.68 -3.15
CA ILE A 282 -3.85 22.59 -2.15
C ILE A 282 -3.89 21.95 -0.77
N LEU A 283 -4.96 21.25 -0.44
CA LEU A 283 -5.03 20.56 0.85
C LEU A 283 -3.96 19.49 0.96
N GLU A 284 -3.74 18.73 -0.11
CA GLU A 284 -2.67 17.74 -0.10
C GLU A 284 -1.31 18.39 0.11
N MET A 285 -1.06 19.51 -0.58
CA MET A 285 0.22 20.20 -0.41
C MET A 285 0.42 20.61 1.04
N LEU A 286 -0.57 21.28 1.63
CA LEU A 286 -0.43 21.74 3.01
C LEU A 286 -0.27 20.57 3.97
N PHE A 287 -1.09 19.53 3.80
CA PHE A 287 -1.04 18.40 4.72
C PHE A 287 0.32 17.70 4.67
N PHE A 288 0.83 17.46 3.46
CA PHE A 288 2.11 16.76 3.36
C PHE A 288 3.26 17.65 3.78
N THR A 289 3.14 18.97 3.64
CA THR A 289 4.14 19.86 4.19
C THR A 289 4.19 19.75 5.71
N GLN A 290 3.03 19.80 6.37
CA GLN A 290 2.99 19.63 7.82
C GLN A 290 3.54 18.27 8.23
N LEU A 291 3.20 17.23 7.47
CA LEU A 291 3.65 15.88 7.80
C LEU A 291 5.17 15.76 7.69
N GLN A 292 5.75 16.37 6.65
CA GLN A 292 7.20 16.30 6.49
C GLN A 292 7.92 17.09 7.58
N VAL A 293 7.41 18.28 7.93
CA VAL A 293 8.03 19.03 9.02
C VAL A 293 7.96 18.25 10.31
N GLY A 294 6.81 17.63 10.59
CA GLY A 294 6.69 16.81 11.78
C GLY A 294 7.68 15.65 11.79
N LEU A 295 7.73 14.91 10.67
CA LEU A 295 8.67 13.80 10.55
C LEU A 295 10.08 14.25 10.86
N ILE A 296 10.54 15.31 10.19
CA ILE A 296 11.90 15.80 10.41
C ILE A 296 12.10 16.12 11.89
N GLN A 297 11.34 17.10 12.39
CA GLN A 297 11.60 17.66 13.71
C GLN A 297 11.32 16.68 14.85
N GLN A 298 10.66 15.57 14.61
CA GLN A 298 10.38 14.63 15.69
C GLN A 298 11.05 13.27 15.53
N TRP A 299 11.66 12.99 14.39
CA TRP A 299 12.32 11.71 14.20
C TRP A 299 13.79 11.85 13.83
N MET A 300 14.16 12.82 12.99
CA MET A 300 15.52 12.89 12.50
C MET A 300 16.39 13.87 13.25
N VAL A 301 15.82 14.96 13.77
CA VAL A 301 16.60 15.92 14.53
C VAL A 301 16.99 15.31 15.88
N PRO A 302 16.09 14.65 16.61
CA PRO A 302 16.56 13.97 17.83
C PRO A 302 17.59 12.89 17.57
N THR A 303 17.42 12.10 16.50
CA THR A 303 18.41 11.06 16.20
C THR A 303 19.76 11.65 15.84
N ILE A 304 19.78 12.79 15.16
CA ILE A 304 21.03 13.47 14.86
C ILE A 304 21.66 14.00 16.13
N GLN A 305 20.85 14.60 17.00
CA GLN A 305 21.35 15.21 18.23
C GLN A 305 21.80 14.17 19.26
N ASN A 306 21.73 12.87 18.94
CA ASN A 306 22.26 11.87 19.86
C ASN A 306 23.76 12.02 20.01
N SER A 307 24.47 12.27 18.89
CA SER A 307 25.91 12.53 18.93
C SER A 307 26.22 13.43 17.73
N MET A 308 26.32 14.73 17.99
CA MET A 308 26.50 15.71 16.92
C MET A 308 27.97 15.75 16.52
N LYS A 309 28.30 15.02 15.47
CA LYS A 309 29.62 15.03 14.87
C LYS A 309 29.47 15.00 13.36
N PRO A 310 30.40 15.59 12.62
CA PRO A 310 30.31 15.58 11.17
C PRO A 310 30.65 14.22 10.60
N PHE A 311 30.04 13.89 9.45
CA PHE A 311 30.36 12.63 8.80
C PHE A 311 31.79 12.62 8.29
N LYS A 312 32.31 13.77 7.88
CA LYS A 312 33.72 13.88 7.60
C LYS A 312 34.50 13.76 8.91
N ASP A 313 35.69 13.18 8.82
CA ASP A 313 36.53 12.89 9.99
C ASP A 313 35.75 12.04 11.01
N MET A 314 35.39 10.84 10.56
CA MET A 314 34.65 9.91 11.40
C MET A 314 34.83 8.50 10.83
N ASP A 315 35.00 7.53 11.71
CA ASP A 315 35.21 6.15 11.27
C ASP A 315 34.02 5.65 10.48
N TYR A 316 34.30 4.77 9.51
CA TYR A 316 33.24 4.22 8.68
C TYR A 316 32.23 3.42 9.49
N SER A 317 32.69 2.77 10.56
CA SER A 317 31.77 2.04 11.43
C SER A 317 30.74 2.97 12.04
N ARG A 318 31.18 4.12 12.57
CA ARG A 318 30.24 5.08 13.13
C ARG A 318 29.33 5.64 12.06
N ILE A 319 29.87 5.87 10.86
CA ILE A 319 29.06 6.42 9.77
C ILE A 319 27.91 5.48 9.44
N ILE A 320 28.22 4.19 9.29
CA ILE A 320 27.17 3.23 8.94
C ILE A 320 26.22 3.03 10.11
N GLU A 321 26.74 3.00 11.33
CA GLU A 321 25.88 2.83 12.50
C GLU A 321 24.89 3.98 12.61
N ARG A 322 25.31 5.19 12.27
CA ARG A 322 24.40 6.33 12.35
C ARG A 322 23.45 6.37 11.16
N LEU A 323 23.92 5.97 9.98
CA LEU A 323 23.05 5.97 8.81
C LEU A 323 21.96 4.92 8.90
N LEU A 324 22.22 3.83 9.64
CA LEU A 324 21.19 2.81 9.81
C LEU A 324 19.99 3.35 10.57
N LYS A 325 20.20 4.28 11.49
CA LYS A 325 19.10 4.86 12.24
C LYS A 325 18.32 5.91 11.47
N LEU A 326 18.88 6.42 10.37
CA LEU A 326 18.25 7.48 9.60
C LEU A 326 17.76 7.03 8.23
N ALA A 327 18.13 5.83 7.78
CA ALA A 327 17.76 5.40 6.44
C ALA A 327 16.25 5.38 6.23
N VAL A 328 15.48 5.02 7.25
CA VAL A 328 14.04 4.86 7.09
C VAL A 328 13.31 6.21 7.07
N PRO A 329 13.49 7.10 8.05
CA PRO A 329 12.79 8.39 7.97
C PRO A 329 13.21 9.22 6.78
N ASN A 330 14.47 9.13 6.37
CA ASN A 330 14.90 9.81 5.16
C ASN A 330 14.17 9.28 3.94
N HIS A 331 13.97 7.96 3.87
CA HIS A 331 13.22 7.38 2.77
C HIS A 331 11.77 7.87 2.76
N LEU A 332 11.14 7.90 3.94
CA LEU A 332 9.78 8.42 4.00
C LEU A 332 9.71 9.88 3.58
N ILE A 333 10.72 10.66 3.96
CA ILE A 333 10.75 12.08 3.58
C ILE A 333 10.85 12.20 2.07
N TRP A 334 11.67 11.36 1.43
CA TRP A 334 11.79 11.45 -0.02
C TRP A 334 10.52 10.99 -0.72
N LEU A 335 9.83 10.00 -0.16
CA LEU A 335 8.56 9.59 -0.74
C LEU A 335 7.54 10.71 -0.66
N ILE A 336 7.45 11.39 0.48
CA ILE A 336 6.52 12.50 0.60
C ILE A 336 6.92 13.65 -0.33
N PHE A 337 8.24 13.88 -0.48
CA PHE A 337 8.71 14.85 -1.46
C PHE A 337 8.16 14.54 -2.84
N PHE A 338 8.37 13.31 -3.29
CA PHE A 338 7.89 12.92 -4.61
C PHE A 338 6.40 13.16 -4.74
N TYR A 339 5.61 12.68 -3.78
CA TYR A 339 4.17 12.80 -3.93
C TYR A 339 3.73 14.25 -3.95
N TRP A 340 4.12 15.02 -2.93
CA TRP A 340 3.61 16.39 -2.86
C TRP A 340 4.23 17.32 -3.88
N LEU A 341 5.30 16.90 -4.56
CA LEU A 341 5.91 17.75 -5.58
C LEU A 341 5.47 17.38 -6.99
N PHE A 342 5.53 16.11 -7.35
CA PHE A 342 5.26 15.67 -8.71
C PHE A 342 3.79 15.38 -8.96
N HIS A 343 2.98 15.14 -7.94
CA HIS A 343 1.56 14.93 -8.14
C HIS A 343 0.74 16.16 -7.79
N SER A 344 0.83 16.66 -6.56
CA SER A 344 -0.10 17.69 -6.13
C SER A 344 0.30 19.06 -6.65
N CYS A 345 1.57 19.44 -6.50
CA CYS A 345 1.99 20.77 -6.93
C CYS A 345 1.88 20.93 -8.43
N LEU A 346 2.38 19.95 -9.19
CA LEU A 346 2.34 20.05 -10.64
C LEU A 346 0.91 19.98 -11.16
N ASN A 347 0.05 19.18 -10.54
CA ASN A 347 -1.34 19.16 -10.98
C ASN A 347 -2.06 20.45 -10.63
N ALA A 348 -1.73 21.06 -9.50
CA ALA A 348 -2.33 22.36 -9.17
C ALA A 348 -1.91 23.41 -10.19
N VAL A 349 -0.64 23.43 -10.55
CA VAL A 349 -0.17 24.40 -11.55
C VAL A 349 -0.84 24.14 -12.90
N ALA A 350 -0.86 22.87 -13.33
CA ALA A 350 -1.46 22.55 -14.62
C ALA A 350 -2.95 22.87 -14.63
N GLU A 351 -3.62 22.71 -13.50
CA GLU A 351 -5.05 23.02 -13.43
C GLU A 351 -5.28 24.51 -13.47
N LEU A 352 -4.42 25.28 -12.80
CA LEU A 352 -4.52 26.73 -12.89
C LEU A 352 -4.29 27.22 -14.31
N MET A 353 -3.39 26.56 -15.04
CA MET A 353 -3.04 26.97 -16.40
C MET A 353 -3.84 26.26 -17.47
N GLN A 354 -4.70 25.32 -17.10
CA GLN A 354 -5.40 24.46 -18.06
C GLN A 354 -4.41 23.76 -18.98
N PHE A 355 -3.48 23.05 -18.37
CA PHE A 355 -2.54 22.24 -19.13
C PHE A 355 -3.13 20.85 -19.35
N GLY A 356 -3.02 20.36 -20.58
CA GLY A 356 -3.63 19.09 -20.92
C GLY A 356 -2.88 17.88 -20.43
N ASP A 357 -1.66 17.68 -20.92
CA ASP A 357 -0.91 16.48 -20.58
C ASP A 357 -0.49 16.52 -19.12
N ARG A 358 -0.95 15.55 -18.34
CA ARG A 358 -0.63 15.46 -16.92
C ARG A 358 0.11 14.17 -16.58
N GLU A 359 0.87 13.65 -17.54
CA GLU A 359 1.68 12.46 -17.31
C GLU A 359 3.05 12.90 -16.79
N PHE A 360 3.10 13.15 -15.48
CA PHE A 360 4.33 13.61 -14.85
C PHE A 360 5.16 12.47 -14.27
N TYR A 361 4.65 11.24 -14.31
CA TYR A 361 5.36 10.10 -13.78
C TYR A 361 4.65 8.84 -14.25
N ARG A 362 5.32 7.71 -14.10
CA ARG A 362 4.71 6.43 -14.42
C ARG A 362 4.90 5.46 -13.27
N ASP A 363 4.54 4.20 -13.46
CA ASP A 363 4.59 3.24 -12.37
C ASP A 363 6.03 2.85 -12.06
N TRP A 364 6.79 3.76 -11.46
CA TRP A 364 8.14 3.41 -11.04
C TRP A 364 8.13 2.46 -9.85
N TRP A 365 7.06 2.46 -9.05
CA TRP A 365 6.98 1.57 -7.91
C TRP A 365 6.89 0.11 -8.32
N ASN A 366 6.44 -0.16 -9.55
CA ASN A 366 6.36 -1.51 -10.08
C ASN A 366 7.59 -1.89 -10.88
N SER A 367 8.70 -1.21 -10.67
CA SER A 367 9.90 -1.47 -11.46
C SER A 367 10.54 -2.78 -11.03
N GLU A 368 11.08 -3.50 -12.01
CA GLU A 368 11.78 -4.76 -11.76
C GLU A 368 13.27 -4.65 -12.06
N SER A 369 13.75 -3.44 -12.34
CA SER A 369 15.16 -3.18 -12.55
C SER A 369 15.38 -1.69 -12.37
N VAL A 370 16.64 -1.32 -12.13
CA VAL A 370 16.93 0.08 -11.82
C VAL A 370 16.69 0.97 -13.03
N THR A 371 16.93 0.46 -14.25
CA THR A 371 16.77 1.29 -15.44
C THR A 371 15.33 1.70 -15.64
N TYR A 372 14.38 0.78 -15.41
CA TYR A 372 12.98 1.13 -15.52
C TYR A 372 12.62 2.23 -14.54
N PHE A 373 13.16 2.16 -13.32
CA PHE A 373 12.88 3.21 -12.34
C PHE A 373 13.46 4.54 -12.77
N TRP A 374 14.69 4.55 -13.26
CA TRP A 374 15.30 5.80 -13.69
C TRP A 374 14.58 6.39 -14.88
N GLN A 375 13.97 5.56 -15.72
CA GLN A 375 13.23 6.08 -16.85
C GLN A 375 11.86 6.61 -16.46
N ASN A 376 11.21 5.97 -15.49
CA ASN A 376 9.79 6.25 -15.24
C ASN A 376 9.53 7.04 -13.98
N TRP A 377 10.55 7.45 -13.23
CA TRP A 377 10.26 8.20 -12.01
C TRP A 377 10.04 9.68 -12.28
N ASN A 378 10.63 10.21 -13.36
CA ASN A 378 10.48 11.62 -13.72
C ASN A 378 10.32 11.69 -15.23
N ILE A 379 9.09 11.93 -15.68
CA ILE A 379 8.76 11.92 -17.10
C ILE A 379 9.17 13.22 -17.79
N PRO A 380 9.02 14.41 -17.19
CA PRO A 380 9.52 15.62 -17.87
C PRO A 380 11.00 15.54 -18.25
N VAL A 381 11.87 15.21 -17.29
CA VAL A 381 13.29 15.14 -17.60
C VAL A 381 13.60 13.98 -18.55
N HIS A 382 12.85 12.88 -18.44
CA HIS A 382 13.07 11.78 -19.38
C HIS A 382 12.72 12.20 -20.81
N LYS A 383 11.58 12.87 -20.97
CA LYS A 383 11.21 13.39 -22.29
C LYS A 383 12.26 14.35 -22.81
N TRP A 384 12.77 15.24 -21.95
CA TRP A 384 13.80 16.17 -22.39
C TRP A 384 15.04 15.44 -22.85
N CYS A 385 15.54 14.51 -22.04
CA CYS A 385 16.76 13.79 -22.39
C CYS A 385 16.59 13.00 -23.67
N ILE A 386 15.39 12.43 -23.88
CA ILE A 386 15.16 11.62 -25.07
C ILE A 386 15.05 12.49 -26.30
N ARG A 387 14.36 13.63 -26.19
CA ARG A 387 14.01 14.41 -27.38
C ARG A 387 15.13 15.35 -27.79
N HIS A 388 15.85 15.93 -26.83
CA HIS A 388 16.84 16.96 -27.13
C HIS A 388 18.27 16.54 -26.90
N PHE A 389 18.53 15.50 -26.12
CA PHE A 389 19.88 15.09 -25.78
C PHE A 389 20.25 13.73 -26.32
N TYR A 390 19.38 12.74 -26.18
CA TYR A 390 19.70 11.38 -26.61
C TYR A 390 19.54 11.22 -28.12
N LYS A 391 18.34 11.46 -28.63
CA LYS A 391 18.04 11.23 -30.03
C LYS A 391 18.79 12.16 -30.97
N PRO A 392 18.95 13.46 -30.66
CA PRO A 392 19.83 14.27 -31.52
C PRO A 392 21.27 13.77 -31.52
N MET A 393 21.76 13.25 -30.40
CA MET A 393 23.11 12.71 -30.38
C MET A 393 23.21 11.44 -31.21
N LEU A 394 22.14 10.63 -31.23
CA LEU A 394 22.16 9.42 -32.03
C LEU A 394 22.04 9.73 -33.52
N ARG A 395 21.23 10.73 -33.87
CA ARG A 395 21.05 11.09 -35.27
C ARG A 395 22.32 11.68 -35.88
N ARG A 396 23.21 12.23 -35.08
CA ARG A 396 24.48 12.74 -35.59
C ARG A 396 25.54 11.67 -35.72
N GLY A 397 25.30 10.48 -35.18
CA GLY A 397 26.24 9.38 -35.31
C GLY A 397 27.06 9.15 -34.06
N SER A 398 26.66 8.19 -33.25
CA SER A 398 27.35 7.83 -32.03
C SER A 398 26.70 6.58 -31.46
N SER A 399 27.51 5.76 -30.80
CA SER A 399 27.00 4.54 -30.18
C SER A 399 26.11 4.90 -28.99
N LYS A 400 25.18 3.99 -28.66
CA LYS A 400 24.31 4.22 -27.52
C LYS A 400 25.09 4.36 -26.23
N TRP A 401 26.24 3.69 -26.14
CA TRP A 401 27.06 3.78 -24.92
C TRP A 401 27.54 5.20 -24.68
N MET A 402 27.95 5.89 -25.74
CA MET A 402 28.42 7.27 -25.58
C MET A 402 27.31 8.18 -25.11
N ALA A 403 26.11 8.02 -25.66
CA ALA A 403 24.99 8.87 -25.26
C ALA A 403 24.58 8.59 -23.82
N ARG A 404 24.60 7.31 -23.42
CA ARG A 404 24.28 6.99 -22.03
C ARG A 404 25.33 7.57 -21.08
N THR A 405 26.60 7.51 -21.47
CA THR A 405 27.65 8.13 -20.65
C THR A 405 27.45 9.64 -20.56
N GLY A 406 27.04 10.27 -21.66
CA GLY A 406 26.78 11.69 -21.63
C GLY A 406 25.64 12.06 -20.70
N VAL A 407 24.56 11.28 -20.74
CA VAL A 407 23.44 11.54 -19.82
C VAL A 407 23.89 11.34 -18.38
N PHE A 408 24.68 10.30 -18.12
CA PHE A 408 25.18 10.07 -16.77
C PHE A 408 26.02 11.24 -16.27
N LEU A 409 26.92 11.74 -17.11
CA LEU A 409 27.77 12.84 -16.70
C LEU A 409 26.96 14.12 -16.48
N ALA A 410 25.98 14.38 -17.34
CA ALA A 410 25.14 15.56 -17.15
C ALA A 410 24.33 15.47 -15.87
N SER A 411 23.80 14.28 -15.56
CA SER A 411 23.05 14.12 -14.33
C SER A 411 23.95 14.27 -13.11
N ALA A 412 25.18 13.76 -13.18
CA ALA A 412 26.11 13.96 -12.07
C ALA A 412 26.44 15.44 -11.88
N PHE A 413 26.68 16.16 -12.98
CA PHE A 413 26.97 17.57 -12.88
C PHE A 413 25.80 18.33 -12.26
N PHE A 414 24.57 17.99 -12.66
CA PHE A 414 23.44 18.72 -12.11
C PHE A 414 23.16 18.34 -10.67
N HIS A 415 23.45 17.10 -10.28
CA HIS A 415 23.40 16.75 -8.87
C HIS A 415 24.36 17.60 -8.06
N GLU A 416 25.60 17.74 -8.54
CA GLU A 416 26.54 18.63 -7.87
C GLU A 416 26.03 20.05 -7.81
N TYR A 417 25.59 20.58 -8.95
CA TYR A 417 25.10 21.95 -9.04
C TYR A 417 23.96 22.19 -8.05
N LEU A 418 23.12 21.19 -7.82
CA LEU A 418 21.94 21.40 -6.99
C LEU A 418 22.16 21.07 -5.53
N VAL A 419 23.18 20.30 -5.18
CA VAL A 419 23.43 19.91 -3.79
C VAL A 419 24.63 20.64 -3.21
N SER A 420 25.77 20.58 -3.88
CA SER A 420 27.00 21.10 -3.29
C SER A 420 26.99 22.63 -3.23
N VAL A 421 26.50 23.29 -4.28
CA VAL A 421 26.58 24.73 -4.38
C VAL A 421 25.72 25.43 -3.34
N PRO A 422 24.44 25.07 -3.15
CA PRO A 422 23.64 25.76 -2.13
C PRO A 422 24.17 25.54 -0.71
N LEU A 423 24.96 24.49 -0.47
CA LEU A 423 25.58 24.27 0.82
C LEU A 423 27.04 24.70 0.87
N ARG A 424 27.63 25.05 -0.27
CA ARG A 424 29.05 25.40 -0.35
C ARG A 424 29.92 24.29 0.23
N MET A 425 29.52 23.05 -0.01
CA MET A 425 30.18 21.87 0.55
C MET A 425 30.45 20.90 -0.59
N PHE A 426 31.71 20.78 -0.98
CA PHE A 426 32.10 19.95 -2.12
C PHE A 426 32.83 18.72 -1.60
N ARG A 427 32.13 17.60 -1.56
CA ARG A 427 32.70 16.31 -1.19
C ARG A 427 32.55 15.33 -2.35
N LEU A 428 33.07 14.12 -2.16
CA LEU A 428 33.01 13.08 -3.16
C LEU A 428 31.89 12.09 -2.92
N TRP A 429 30.88 12.43 -2.12
CA TRP A 429 29.86 11.46 -1.76
C TRP A 429 28.85 11.27 -2.88
N ALA A 430 28.33 12.37 -3.44
CA ALA A 430 27.32 12.24 -4.49
C ALA A 430 27.88 11.55 -5.72
N PHE A 431 29.13 11.84 -6.07
CA PHE A 431 29.71 11.24 -7.27
C PHE A 431 29.89 9.74 -7.10
N THR A 432 30.46 9.30 -5.97
CA THR A 432 30.62 7.87 -5.77
C THR A 432 29.29 7.17 -5.56
N GLY A 433 28.28 7.86 -5.05
CA GLY A 433 26.95 7.27 -5.00
C GLY A 433 26.39 7.01 -6.39
N MET A 434 26.43 8.04 -7.24
CA MET A 434 25.97 7.87 -8.62
C MET A 434 26.81 6.84 -9.37
N MET A 435 28.08 6.69 -8.98
CA MET A 435 28.92 5.68 -9.61
C MET A 435 28.53 4.27 -9.18
N ALA A 436 28.47 4.04 -7.87
CA ALA A 436 28.06 2.74 -7.36
C ALA A 436 26.64 2.36 -7.78
N GLN A 437 25.86 3.33 -8.23
CA GLN A 437 24.55 3.00 -8.79
C GLN A 437 24.62 2.10 -10.01
N ILE A 438 25.76 2.04 -10.70
CA ILE A 438 25.89 1.26 -11.94
C ILE A 438 26.02 -0.24 -11.65
N PRO A 439 27.01 -0.71 -10.88
CA PRO A 439 27.10 -2.16 -10.66
C PRO A 439 25.92 -2.70 -9.89
N LEU A 440 25.31 -1.88 -9.03
CA LEU A 440 24.05 -2.27 -8.41
C LEU A 440 22.98 -2.53 -9.46
N ALA A 441 22.89 -1.66 -10.46
CA ALA A 441 21.92 -1.86 -11.53
C ALA A 441 22.20 -3.14 -12.30
N TRP A 442 23.47 -3.38 -12.64
CA TRP A 442 23.82 -4.61 -13.34
C TRP A 442 23.45 -5.83 -12.52
N PHE A 443 23.71 -5.79 -11.21
CA PHE A 443 23.42 -6.93 -10.35
C PHE A 443 21.92 -7.19 -10.25
N VAL A 444 21.14 -6.14 -10.00
CA VAL A 444 19.69 -6.30 -9.90
C VAL A 444 19.11 -6.77 -11.23
N GLY A 445 19.71 -6.38 -12.35
CA GLY A 445 19.21 -6.84 -13.62
C GLY A 445 19.56 -8.28 -13.92
N ARG A 446 20.76 -8.72 -13.53
CA ARG A 446 21.25 -10.04 -13.90
C ARG A 446 21.01 -11.10 -12.84
N PHE A 447 20.40 -10.75 -11.70
CA PHE A 447 20.21 -11.78 -10.69
C PHE A 447 18.77 -11.94 -10.23
N PHE A 448 18.00 -10.86 -10.20
CA PHE A 448 16.66 -10.88 -9.63
C PHE A 448 15.61 -10.70 -10.72
N GLN A 449 14.41 -11.21 -10.44
CA GLN A 449 13.31 -11.17 -11.38
C GLN A 449 12.00 -11.27 -10.61
N GLY A 450 10.93 -10.76 -11.21
CA GLY A 450 9.63 -10.84 -10.57
C GLY A 450 9.48 -9.88 -9.41
N ASN A 451 8.92 -10.35 -8.30
CA ASN A 451 8.76 -9.49 -7.13
C ASN A 451 10.07 -9.29 -6.41
N TYR A 452 11.03 -10.20 -6.58
CA TYR A 452 12.32 -10.03 -5.93
C TYR A 452 13.11 -8.89 -6.56
N GLY A 453 12.97 -8.70 -7.87
CA GLY A 453 13.58 -7.52 -8.48
C GLY A 453 12.99 -6.23 -7.96
N ASN A 454 11.66 -6.21 -7.75
CA ASN A 454 11.03 -5.02 -7.21
C ASN A 454 11.45 -4.77 -5.77
N ALA A 455 11.61 -5.85 -4.98
CA ALA A 455 12.12 -5.68 -3.62
C ALA A 455 13.55 -5.16 -3.63
N ALA A 456 14.38 -5.65 -4.56
CA ALA A 456 15.75 -5.17 -4.65
C ALA A 456 15.79 -3.70 -5.04
N VAL A 457 14.89 -3.28 -5.92
CA VAL A 457 14.84 -1.86 -6.30
C VAL A 457 14.39 -1.02 -5.12
N TRP A 458 13.38 -1.48 -4.38
CA TRP A 458 12.93 -0.74 -3.20
C TRP A 458 14.02 -0.65 -2.16
N LEU A 459 14.86 -1.67 -2.06
CA LEU A 459 15.97 -1.63 -1.12
C LEU A 459 17.09 -0.73 -1.62
N SER A 460 17.30 -0.66 -2.93
CA SER A 460 18.29 0.24 -3.49
C SER A 460 17.88 1.69 -3.38
N LEU A 461 16.58 1.97 -3.33
CA LEU A 461 16.14 3.33 -3.08
C LEU A 461 16.42 3.80 -1.66
N ILE A 462 16.54 2.88 -0.71
CA ILE A 462 16.75 3.24 0.68
C ILE A 462 18.21 3.52 0.97
N ILE A 463 19.12 2.76 0.35
CA ILE A 463 20.55 2.90 0.59
C ILE A 463 21.23 3.43 -0.65
N GLY A 464 20.51 4.16 -1.48
CA GLY A 464 21.05 4.67 -2.73
C GLY A 464 21.48 6.11 -2.68
N GLN A 465 20.86 6.94 -3.51
CA GLN A 465 21.18 8.36 -3.61
C GLN A 465 20.61 9.19 -2.46
N PRO A 466 19.39 8.91 -1.97
CA PRO A 466 18.92 9.63 -0.78
C PRO A 466 19.89 9.62 0.37
N ILE A 467 20.67 8.54 0.54
CA ILE A 467 21.68 8.52 1.58
C ILE A 467 22.79 9.51 1.27
N ALA A 468 23.18 9.62 -0.01
CA ALA A 468 24.22 10.56 -0.39
C ALA A 468 23.77 12.00 -0.25
N VAL A 469 22.48 12.27 -0.28
CA VAL A 469 22.01 13.63 -0.01
C VAL A 469 21.85 13.86 1.49
N LEU A 470 21.43 12.82 2.22
CA LEU A 470 21.30 12.93 3.66
C LEU A 470 22.63 13.20 4.33
N MET A 471 23.71 12.62 3.80
CA MET A 471 25.03 12.89 4.38
C MET A 471 25.38 14.37 4.27
N TYR A 472 25.16 14.96 3.09
CA TYR A 472 25.40 16.39 2.92
C TYR A 472 24.57 17.21 3.89
N VAL A 473 23.26 16.94 3.95
CA VAL A 473 22.38 17.77 4.77
C VAL A 473 22.73 17.61 6.25
N HIS A 474 23.07 16.40 6.67
CA HIS A 474 23.44 16.18 8.07
C HIS A 474 24.73 16.92 8.42
N ASP A 475 25.74 16.81 7.55
CA ASP A 475 26.99 17.52 7.83
C ASP A 475 26.77 19.02 7.90
N TYR A 476 25.91 19.56 7.03
CA TYR A 476 25.65 20.99 7.08
C TYR A 476 24.92 21.37 8.36
N TYR A 477 23.91 20.59 8.73
CA TYR A 477 23.15 20.90 9.94
C TYR A 477 24.01 20.83 11.18
N VAL A 478 25.00 19.94 11.19
CA VAL A 478 25.90 19.85 12.33
C VAL A 478 26.88 21.02 12.34
N LEU A 479 27.48 21.31 11.20
CA LEU A 479 28.53 22.32 11.15
C LEU A 479 27.98 23.73 11.32
N ASN A 480 26.72 23.96 10.98
CA ASN A 480 26.19 25.32 10.90
C ASN A 480 24.95 25.57 11.75
N TYR A 481 24.13 24.56 11.99
CA TYR A 481 22.87 24.70 12.74
C TYR A 481 21.84 25.56 12.00
N TRP B 64 10.67 18.41 -38.41
CA TRP B 64 10.64 17.54 -37.23
C TRP B 64 9.92 18.22 -36.08
N GLU B 65 9.08 19.20 -36.40
CA GLU B 65 8.36 19.99 -35.42
C GLU B 65 7.15 19.27 -34.83
N LEU B 66 7.04 17.96 -35.05
CA LEU B 66 5.86 17.21 -34.64
C LEU B 66 5.72 17.19 -33.12
N ARG B 67 4.52 16.85 -32.68
CA ARG B 67 4.11 17.01 -31.28
C ARG B 67 4.33 15.74 -30.47
N CYS B 68 4.38 15.91 -29.15
CA CYS B 68 4.56 14.79 -28.23
C CYS B 68 3.63 14.80 -27.03
N HIS B 69 2.86 15.87 -26.81
CA HIS B 69 1.95 15.94 -25.68
C HIS B 69 0.55 15.49 -26.10
N ARG B 70 -0.20 14.96 -25.14
CA ARG B 70 -1.56 14.52 -25.39
C ARG B 70 -2.32 14.48 -24.07
N LEU B 71 -3.63 14.73 -24.15
CA LEU B 71 -4.45 14.80 -22.95
C LEU B 71 -4.39 13.49 -22.18
N GLN B 72 -4.06 13.58 -20.90
CA GLN B 72 -3.91 12.42 -20.04
C GLN B 72 -4.31 12.82 -18.62
N ASP B 73 -3.94 11.99 -17.66
CA ASP B 73 -4.10 12.33 -16.25
C ASP B 73 -3.16 11.46 -15.44
N SER B 74 -2.65 12.02 -14.34
CA SER B 74 -1.65 11.34 -13.54
C SER B 74 -2.20 10.02 -13.02
N LEU B 75 -1.30 9.08 -12.74
CA LEU B 75 -1.71 7.72 -12.41
C LEU B 75 -2.48 7.67 -11.09
N PHE B 76 -2.08 8.50 -10.12
CA PHE B 76 -2.72 8.45 -8.81
C PHE B 76 -4.14 9.02 -8.83
N SER B 77 -4.47 9.86 -9.80
CA SER B 77 -5.81 10.43 -9.85
C SER B 77 -6.82 9.37 -10.23
N SER B 78 -8.01 9.45 -9.62
CA SER B 78 -9.02 8.43 -9.83
C SER B 78 -9.54 8.40 -11.26
N ASP B 79 -9.38 9.49 -12.01
CA ASP B 79 -9.80 9.54 -13.40
C ASP B 79 -8.84 8.85 -14.34
N SER B 80 -7.74 8.31 -13.83
CA SER B 80 -6.76 7.67 -14.70
C SER B 80 -7.15 6.22 -15.03
N GLY B 81 -7.88 5.56 -14.13
CA GLY B 81 -8.18 4.15 -14.35
C GLY B 81 -6.99 3.23 -14.19
N PHE B 82 -5.96 3.66 -13.46
CA PHE B 82 -4.81 2.82 -13.21
C PHE B 82 -5.06 1.97 -11.97
N SER B 83 -4.56 0.74 -12.02
CA SER B 83 -4.84 -0.22 -10.95
C SER B 83 -3.62 -0.98 -10.44
N ASN B 84 -2.55 -1.10 -11.23
CA ASN B 84 -1.42 -1.95 -10.87
C ASN B 84 -0.62 -1.30 -9.74
N TYR B 85 -0.77 -1.80 -8.52
CA TYR B 85 -0.07 -1.28 -7.36
C TYR B 85 0.57 -2.39 -6.53
N ARG B 86 1.23 -3.35 -7.19
CA ARG B 86 1.92 -4.38 -6.44
C ARG B 86 3.19 -3.84 -5.78
N GLY B 87 3.74 -2.76 -6.31
CA GLY B 87 4.90 -2.15 -5.70
C GLY B 87 4.64 -1.68 -4.29
N ILE B 88 3.41 -1.23 -4.00
CA ILE B 88 3.08 -0.81 -2.65
C ILE B 88 3.15 -1.99 -1.70
N LEU B 89 2.64 -3.14 -2.13
CA LEU B 89 2.71 -4.35 -1.31
C LEU B 89 4.15 -4.74 -1.05
N ASN B 90 4.97 -4.76 -2.10
CA ASN B 90 6.38 -5.10 -1.90
C ASN B 90 7.08 -4.10 -0.99
N TRP B 91 6.67 -2.83 -1.05
CA TRP B 91 7.24 -1.83 -0.17
C TRP B 91 6.88 -2.11 1.29
N CYS B 92 5.62 -2.43 1.55
CA CYS B 92 5.23 -2.78 2.91
C CYS B 92 6.03 -3.97 3.42
N VAL B 93 6.20 -5.00 2.59
CA VAL B 93 6.94 -6.17 3.02
C VAL B 93 8.39 -5.81 3.32
N VAL B 94 9.03 -5.04 2.43
CA VAL B 94 10.43 -4.68 2.62
C VAL B 94 10.59 -3.83 3.88
N MET B 95 9.67 -2.91 4.12
CA MET B 95 9.78 -2.07 5.31
C MET B 95 9.62 -2.90 6.58
N LEU B 96 8.64 -3.80 6.61
CA LEU B 96 8.47 -4.65 7.78
C LEU B 96 9.71 -5.48 8.05
N ILE B 97 10.27 -6.07 7.00
CA ILE B 97 11.46 -6.90 7.17
C ILE B 97 12.63 -6.07 7.68
N LEU B 98 12.92 -4.95 7.01
CA LEU B 98 14.05 -4.12 7.41
C LEU B 98 13.90 -3.63 8.84
N SER B 99 12.66 -3.38 9.28
CA SER B 99 12.48 -2.82 10.60
C SER B 99 12.53 -3.88 11.70
N ASN B 100 12.05 -5.09 11.42
CA ASN B 100 11.86 -6.08 12.48
C ASN B 100 12.66 -7.36 12.30
N ALA B 101 13.61 -7.41 11.36
CA ALA B 101 14.31 -8.65 11.11
C ALA B 101 15.19 -9.07 12.28
N ARG B 102 15.91 -8.11 12.86
CA ARG B 102 16.80 -8.46 13.98
C ARG B 102 16.00 -8.99 15.16
N LEU B 103 14.88 -8.33 15.49
CA LEU B 103 14.06 -8.77 16.60
C LEU B 103 13.42 -10.12 16.31
N PHE B 104 12.96 -10.33 15.07
CA PHE B 104 12.36 -11.61 14.72
C PHE B 104 13.37 -12.73 14.84
N LEU B 105 14.59 -12.51 14.35
CA LEU B 105 15.63 -13.53 14.44
C LEU B 105 15.98 -13.82 15.89
N GLU B 106 16.12 -12.78 16.71
CA GLU B 106 16.45 -12.97 18.12
C GLU B 106 15.37 -13.80 18.81
N ASN B 107 14.11 -13.40 18.65
CA ASN B 107 13.02 -14.11 19.32
C ASN B 107 12.89 -15.53 18.78
N LEU B 108 13.11 -15.72 17.49
CA LEU B 108 13.03 -17.05 16.91
C LEU B 108 14.08 -17.97 17.50
N ILE B 109 15.33 -17.51 17.57
CA ILE B 109 16.38 -18.31 18.20
C ILE B 109 16.01 -18.62 19.65
N LYS B 110 15.64 -17.58 20.40
CA LYS B 110 15.33 -17.73 21.82
C LYS B 110 14.24 -18.76 22.07
N TYR B 111 13.11 -18.64 21.37
CA TYR B 111 12.00 -19.56 21.62
C TYR B 111 12.27 -20.94 21.02
N GLY B 112 12.78 -20.98 19.79
CA GLY B 112 12.96 -22.27 19.12
C GLY B 112 14.03 -23.13 19.76
N ILE B 113 14.94 -22.52 20.53
CA ILE B 113 15.91 -23.36 21.24
C ILE B 113 15.24 -24.09 22.40
N LEU B 114 13.99 -23.73 22.73
CA LEU B 114 13.20 -24.44 23.71
C LEU B 114 12.19 -25.41 23.10
N VAL B 115 12.29 -25.69 21.80
CA VAL B 115 11.29 -26.54 21.17
C VAL B 115 11.44 -27.98 21.68
N ASP B 116 10.47 -28.43 22.46
CA ASP B 116 10.44 -29.78 23.01
C ASP B 116 9.04 -30.35 22.84
N PRO B 117 8.67 -30.70 21.61
CA PRO B 117 7.31 -31.24 21.39
C PRO B 117 7.09 -32.57 22.08
N ILE B 118 8.13 -33.40 22.15
CA ILE B 118 8.01 -34.67 22.86
C ILE B 118 7.67 -34.43 24.33
N GLN B 119 8.22 -33.38 24.92
CA GLN B 119 7.93 -33.08 26.31
C GLN B 119 6.45 -32.80 26.52
N VAL B 120 5.87 -31.91 25.71
CA VAL B 120 4.47 -31.54 25.92
C VAL B 120 3.54 -32.68 25.54
N VAL B 121 3.93 -33.48 24.53
CA VAL B 121 3.12 -34.64 24.17
C VAL B 121 3.10 -35.66 25.31
N SER B 122 4.27 -35.95 25.89
CA SER B 122 4.31 -36.84 27.04
C SER B 122 3.51 -36.27 28.20
N LEU B 123 3.62 -34.97 28.44
CA LEU B 123 2.87 -34.34 29.53
C LEU B 123 1.37 -34.52 29.34
N PHE B 124 0.88 -34.30 28.13
CA PHE B 124 -0.53 -34.55 27.85
C PHE B 124 -0.87 -36.03 28.00
N LEU B 125 0.09 -36.91 27.74
CA LEU B 125 -0.18 -38.34 27.86
C LEU B 125 -0.23 -38.81 29.30
N LYS B 126 0.44 -38.11 30.23
CA LYS B 126 0.39 -38.53 31.62
C LYS B 126 -0.98 -38.29 32.22
N ASP B 127 -1.58 -37.13 31.98
CA ASP B 127 -2.90 -36.80 32.52
C ASP B 127 -3.69 -36.09 31.43
N PRO B 128 -4.57 -36.81 30.74
CA PRO B 128 -5.32 -36.19 29.64
C PRO B 128 -6.57 -35.46 30.13
N TYR B 129 -7.11 -35.88 31.26
CA TYR B 129 -8.36 -35.30 31.77
C TYR B 129 -8.17 -33.89 32.30
N SER B 130 -6.96 -33.34 32.28
CA SER B 130 -6.71 -31.98 32.76
C SER B 130 -6.59 -30.97 31.63
N TRP B 131 -6.69 -31.41 30.37
CA TRP B 131 -6.59 -30.53 29.21
C TRP B 131 -7.85 -30.69 28.39
N PRO B 132 -8.93 -29.96 28.71
CA PRO B 132 -10.20 -30.19 28.03
C PRO B 132 -10.19 -29.84 26.56
N ALA B 133 -9.42 -28.82 26.14
CA ALA B 133 -9.51 -28.37 24.75
C ALA B 133 -9.00 -29.41 23.77
N PRO B 134 -7.82 -30.01 23.94
CA PRO B 134 -7.42 -31.08 23.01
C PRO B 134 -8.32 -32.29 23.12
N CYS B 135 -8.90 -32.58 24.28
CA CYS B 135 -9.85 -33.68 24.37
C CYS B 135 -11.09 -33.42 23.53
N LEU B 136 -11.56 -32.17 23.48
CA LEU B 136 -12.69 -31.85 22.62
C LEU B 136 -12.30 -31.94 21.14
N VAL B 137 -11.13 -31.39 20.79
CA VAL B 137 -10.67 -31.47 19.41
C VAL B 137 -10.49 -32.92 18.97
N ILE B 138 -10.19 -33.82 19.92
CA ILE B 138 -10.06 -35.22 19.58
C ILE B 138 -11.44 -35.89 19.49
N ALA B 139 -12.35 -35.55 20.41
CA ALA B 139 -13.66 -36.16 20.44
C ALA B 139 -14.55 -35.73 19.27
N ALA B 140 -14.19 -34.67 18.56
CA ALA B 140 -14.93 -34.33 17.34
C ALA B 140 -14.95 -35.48 16.34
N ASN B 141 -13.91 -36.32 16.36
CA ASN B 141 -13.87 -37.47 15.45
C ASN B 141 -15.01 -38.45 15.70
N VAL B 142 -15.56 -38.48 16.92
CA VAL B 142 -16.70 -39.36 17.19
C VAL B 142 -17.90 -38.92 16.36
N PHE B 143 -18.19 -37.62 16.35
CA PHE B 143 -19.28 -37.11 15.52
C PHE B 143 -18.99 -37.32 14.04
N ALA B 144 -17.74 -37.12 13.63
CA ALA B 144 -17.37 -37.39 12.24
C ALA B 144 -17.69 -38.83 11.85
N VAL B 145 -17.25 -39.78 12.65
CA VAL B 145 -17.48 -41.19 12.35
C VAL B 145 -18.97 -41.52 12.41
N ALA B 146 -19.72 -40.88 13.31
CA ALA B 146 -21.16 -41.13 13.38
C ALA B 146 -21.84 -40.71 12.09
N ALA B 147 -21.53 -39.50 11.61
CA ALA B 147 -22.10 -39.05 10.34
C ALA B 147 -21.70 -39.96 9.20
N PHE B 148 -20.43 -40.38 9.16
CA PHE B 148 -19.99 -41.26 8.10
C PHE B 148 -20.72 -42.59 8.13
N GLN B 149 -20.95 -43.14 9.33
CA GLN B 149 -21.66 -44.41 9.43
C GLN B 149 -23.11 -44.26 8.99
N VAL B 150 -23.75 -43.16 9.35
CA VAL B 150 -25.12 -42.92 8.89
C VAL B 150 -25.15 -42.89 7.37
N GLU B 151 -24.20 -42.21 6.74
CA GLU B 151 -24.19 -42.12 5.29
C GLU B 151 -23.91 -43.48 4.65
N LYS B 152 -22.94 -44.22 5.18
CA LYS B 152 -22.60 -45.51 4.62
C LYS B 152 -23.76 -46.49 4.73
N ARG B 153 -24.54 -46.38 5.81
CA ARG B 153 -25.74 -47.22 5.92
C ARG B 153 -26.83 -46.75 4.99
N LEU B 154 -26.92 -45.44 4.74
CA LEU B 154 -27.93 -44.93 3.83
C LEU B 154 -27.66 -45.38 2.40
N ALA B 155 -26.39 -45.49 2.00
CA ALA B 155 -26.07 -45.94 0.65
C ALA B 155 -26.50 -47.38 0.43
N VAL B 156 -25.93 -48.30 1.20
CA VAL B 156 -26.30 -49.71 1.17
C VAL B 156 -26.72 -50.12 2.58
N GLY B 157 -27.91 -50.67 2.71
CA GLY B 157 -28.44 -51.00 4.02
C GLY B 157 -29.93 -50.69 4.11
N ALA B 158 -30.45 -49.98 3.11
CA ALA B 158 -31.87 -49.66 3.00
C ALA B 158 -32.39 -48.90 4.22
N LEU B 159 -31.54 -48.11 4.85
CA LEU B 159 -31.98 -47.27 5.95
C LEU B 159 -32.91 -46.19 5.41
N THR B 160 -34.03 -45.97 6.11
CA THR B 160 -35.04 -45.04 5.63
C THR B 160 -34.46 -43.62 5.61
N GLU B 161 -34.81 -42.88 4.55
CA GLU B 161 -34.26 -41.53 4.39
C GLU B 161 -34.72 -40.58 5.48
N GLN B 162 -35.94 -40.74 6.00
CA GLN B 162 -36.38 -39.92 7.12
C GLN B 162 -35.58 -40.23 8.39
N ALA B 163 -35.30 -41.51 8.64
CA ALA B 163 -34.46 -41.87 9.78
C ALA B 163 -33.06 -41.32 9.63
N GLY B 164 -32.50 -41.38 8.42
CA GLY B 164 -31.19 -40.80 8.20
C GLY B 164 -31.18 -39.31 8.41
N LEU B 165 -32.22 -38.62 7.94
CA LEU B 165 -32.31 -37.18 8.16
C LEU B 165 -32.40 -36.85 9.64
N LEU B 166 -33.21 -37.60 10.39
CA LEU B 166 -33.32 -37.37 11.81
C LEU B 166 -32.00 -37.60 12.52
N LEU B 167 -31.29 -38.68 12.16
CA LEU B 167 -30.02 -38.96 12.80
C LEU B 167 -28.98 -37.89 12.47
N HIS B 168 -28.99 -37.39 11.23
CA HIS B 168 -28.06 -36.33 10.87
C HIS B 168 -28.37 -35.05 11.62
N VAL B 169 -29.66 -34.73 11.77
CA VAL B 169 -30.02 -33.52 12.53
C VAL B 169 -29.59 -33.66 13.98
N ALA B 170 -29.79 -34.85 14.57
CA ALA B 170 -29.34 -35.07 15.93
C ALA B 170 -27.83 -34.93 16.05
N ASN B 171 -27.09 -35.48 15.08
CA ASN B 171 -25.64 -35.38 15.10
C ASN B 171 -25.18 -33.93 15.02
N LEU B 172 -25.80 -33.14 14.15
CA LEU B 172 -25.40 -31.74 14.02
C LEU B 172 -25.74 -30.94 15.27
N ALA B 173 -26.94 -31.15 15.82
CA ALA B 173 -27.32 -30.46 17.04
C ALA B 173 -26.36 -30.80 18.18
N THR B 174 -25.94 -32.07 18.26
CA THR B 174 -24.98 -32.44 19.28
C THR B 174 -23.62 -31.80 19.02
N ILE B 175 -23.21 -31.74 17.75
CA ILE B 175 -21.95 -31.08 17.41
C ILE B 175 -21.94 -29.64 17.89
N LEU B 176 -23.08 -28.95 17.76
CA LEU B 176 -23.11 -27.58 18.24
C LEU B 176 -23.20 -27.50 19.76
N CYS B 177 -23.98 -28.37 20.40
CA CYS B 177 -24.32 -28.19 21.80
C CYS B 177 -23.29 -28.77 22.77
N PHE B 178 -22.54 -29.79 22.36
CA PHE B 178 -21.63 -30.44 23.30
C PHE B 178 -20.45 -29.57 23.70
N PRO B 179 -19.68 -28.98 22.77
CA PRO B 179 -18.56 -28.13 23.21
C PRO B 179 -19.00 -26.92 24.01
N ALA B 180 -20.14 -26.32 23.67
CA ALA B 180 -20.64 -25.20 24.45
C ALA B 180 -20.92 -25.61 25.89
N ALA B 181 -21.54 -26.78 26.07
CA ALA B 181 -21.84 -27.25 27.42
C ALA B 181 -20.54 -27.55 28.18
N VAL B 182 -19.61 -28.26 27.54
CA VAL B 182 -18.37 -28.60 28.21
C VAL B 182 -17.58 -27.34 28.57
N VAL B 183 -17.66 -26.30 27.75
CA VAL B 183 -16.94 -25.08 28.02
C VAL B 183 -17.59 -24.32 29.18
N LEU B 184 -18.91 -24.13 29.11
CA LEU B 184 -19.59 -23.38 30.16
C LEU B 184 -19.60 -24.11 31.49
N LEU B 185 -19.42 -25.43 31.49
CA LEU B 185 -19.47 -26.19 32.73
C LEU B 185 -18.10 -26.45 33.34
N VAL B 186 -17.08 -26.71 32.53
CA VAL B 186 -15.74 -26.97 33.04
C VAL B 186 -15.01 -25.65 33.14
N GLU B 187 -14.73 -25.21 34.37
CA GLU B 187 -14.05 -23.94 34.60
C GLU B 187 -12.54 -24.06 34.54
N SER B 188 -11.99 -25.22 34.22
CA SER B 188 -10.55 -25.43 34.17
C SER B 188 -9.96 -25.21 32.78
N ILE B 189 -10.76 -24.77 31.81
CA ILE B 189 -10.32 -24.63 30.43
C ILE B 189 -9.97 -23.16 30.16
N THR B 190 -8.84 -22.95 29.51
CA THR B 190 -8.38 -21.59 29.24
C THR B 190 -9.25 -20.93 28.16
N PRO B 191 -9.43 -19.62 28.23
CA PRO B 191 -10.27 -18.92 27.25
C PRO B 191 -9.62 -18.74 25.89
N VAL B 192 -8.49 -19.38 25.61
CA VAL B 192 -7.92 -19.38 24.27
C VAL B 192 -7.85 -20.77 23.67
N GLY B 193 -7.96 -21.82 24.48
CA GLY B 193 -8.12 -23.16 23.96
C GLY B 193 -9.59 -23.44 23.75
N SER B 194 -10.42 -22.78 24.55
CA SER B 194 -11.87 -22.84 24.35
C SER B 194 -12.25 -22.30 22.99
N LEU B 195 -11.62 -21.20 22.57
CA LEU B 195 -11.92 -20.64 21.25
C LEU B 195 -11.51 -21.60 20.15
N LEU B 196 -10.37 -22.27 20.31
CA LEU B 196 -9.94 -23.23 19.30
C LEU B 196 -10.88 -24.42 19.22
N ALA B 197 -11.34 -24.93 20.37
CA ALA B 197 -12.30 -26.03 20.35
C ALA B 197 -13.60 -25.61 19.70
N LEU B 198 -14.09 -24.40 20.02
CA LEU B 198 -15.34 -23.95 19.44
C LEU B 198 -15.20 -23.72 17.94
N MET B 199 -14.05 -23.21 17.49
CA MET B 199 -13.84 -23.04 16.05
C MET B 199 -13.77 -24.38 15.35
N ALA B 200 -13.06 -25.35 15.93
CA ALA B 200 -13.02 -26.68 15.34
C ALA B 200 -14.41 -27.27 15.21
N HIS B 201 -15.25 -27.10 16.24
CA HIS B 201 -16.57 -27.70 16.18
C HIS B 201 -17.51 -26.94 15.23
N THR B 202 -17.37 -25.61 15.11
CA THR B 202 -18.12 -24.89 14.10
C THR B 202 -17.75 -25.34 12.70
N ILE B 203 -16.45 -25.41 12.42
CA ILE B 203 -16.01 -25.85 11.10
C ILE B 203 -16.48 -27.26 10.82
N LEU B 204 -16.41 -28.14 11.82
CA LEU B 204 -16.89 -29.50 11.64
C LEU B 204 -18.40 -29.52 11.36
N PHE B 205 -19.16 -28.66 12.03
CA PHE B 205 -20.59 -28.60 11.78
C PHE B 205 -20.88 -28.21 10.34
N LEU B 206 -20.24 -27.14 9.87
CA LEU B 206 -20.46 -26.71 8.49
C LEU B 206 -20.05 -27.79 7.48
N LYS B 207 -18.89 -28.41 7.70
CA LYS B 207 -18.41 -29.42 6.78
C LYS B 207 -19.33 -30.63 6.75
N LEU B 208 -19.86 -31.04 7.91
CA LEU B 208 -20.74 -32.19 7.92
C LEU B 208 -22.09 -31.87 7.32
N PHE B 209 -22.57 -30.64 7.50
CA PHE B 209 -23.76 -30.20 6.78
C PHE B 209 -23.57 -30.36 5.27
N SER B 210 -22.44 -29.85 4.76
CA SER B 210 -22.19 -29.96 3.33
C SER B 210 -22.06 -31.41 2.89
N TYR B 211 -21.40 -32.23 3.69
CA TYR B 211 -21.23 -33.65 3.36
C TYR B 211 -22.58 -34.33 3.20
N ARG B 212 -23.45 -34.20 4.20
CA ARG B 212 -24.75 -34.84 4.12
C ARG B 212 -25.58 -34.29 2.96
N ASP B 213 -25.44 -32.99 2.68
CA ASP B 213 -26.21 -32.41 1.59
C ASP B 213 -25.79 -32.98 0.24
N VAL B 214 -24.47 -33.02 -0.02
CA VAL B 214 -23.98 -33.51 -1.30
C VAL B 214 -24.30 -34.99 -1.46
N ASN B 215 -24.16 -35.77 -0.39
CA ASN B 215 -24.51 -37.18 -0.50
C ASN B 215 -26.00 -37.38 -0.72
N SER B 216 -26.84 -36.52 -0.15
CA SER B 216 -28.27 -36.61 -0.43
C SER B 216 -28.57 -36.30 -1.88
N TRP B 217 -27.93 -35.27 -2.43
CA TRP B 217 -28.12 -34.95 -3.84
C TRP B 217 -27.72 -36.13 -4.73
N CYS B 218 -26.55 -36.72 -4.45
CA CYS B 218 -26.08 -37.84 -5.27
C CYS B 218 -27.00 -39.05 -5.14
N ARG B 219 -27.49 -39.32 -3.93
CA ARG B 219 -28.42 -40.44 -3.74
C ARG B 219 -29.70 -40.21 -4.53
N ARG B 220 -30.29 -39.02 -4.41
CA ARG B 220 -31.50 -38.73 -5.18
C ARG B 220 -31.25 -38.82 -6.67
N ALA B 221 -30.03 -38.50 -7.11
CA ALA B 221 -29.71 -38.67 -8.53
C ALA B 221 -29.64 -40.14 -8.91
N ARG B 222 -29.07 -40.97 -8.04
CA ARG B 222 -28.92 -42.39 -8.35
C ARG B 222 -30.25 -43.12 -8.46
N ALA B 223 -31.35 -42.52 -8.00
CA ALA B 223 -32.65 -43.17 -8.13
C ALA B 223 -33.20 -43.10 -9.54
N LYS B 224 -32.58 -42.34 -10.43
CA LYS B 224 -33.05 -42.22 -11.81
C LYS B 224 -32.37 -43.25 -12.70
N HIS B 239 -9.58 -41.32 -11.97
CA HIS B 239 -9.70 -39.97 -12.51
C HIS B 239 -11.02 -39.33 -12.10
N THR B 240 -12.05 -40.16 -11.95
CA THR B 240 -13.35 -39.68 -11.50
C THR B 240 -14.01 -40.78 -10.67
N VAL B 241 -14.86 -40.37 -9.73
CA VAL B 241 -15.50 -41.29 -8.79
C VAL B 241 -17.01 -41.07 -8.84
N SER B 242 -17.76 -42.16 -8.86
CA SER B 242 -19.21 -42.08 -8.80
C SER B 242 -19.66 -41.89 -7.35
N TYR B 243 -20.95 -42.03 -7.10
CA TYR B 243 -21.45 -41.82 -5.74
C TYR B 243 -21.03 -42.92 -4.78
N PRO B 244 -21.46 -44.18 -4.94
CA PRO B 244 -21.29 -45.15 -3.84
C PRO B 244 -19.84 -45.46 -3.51
N ASP B 245 -18.89 -45.08 -4.36
CA ASP B 245 -17.48 -45.36 -4.12
C ASP B 245 -16.72 -44.13 -3.65
N ASN B 246 -17.43 -43.15 -3.09
CA ASN B 246 -16.79 -42.00 -2.47
C ASN B 246 -16.90 -42.02 -0.96
N LEU B 247 -17.49 -43.06 -0.39
CA LEU B 247 -17.71 -43.17 1.05
C LEU B 247 -16.57 -44.01 1.63
N THR B 248 -15.46 -43.36 1.92
CA THR B 248 -14.33 -44.01 2.55
C THR B 248 -13.72 -43.06 3.57
N TYR B 249 -13.02 -43.63 4.55
CA TYR B 249 -12.38 -42.82 5.58
C TYR B 249 -11.30 -41.93 4.99
N ARG B 250 -10.59 -42.42 3.97
CA ARG B 250 -9.59 -41.61 3.30
C ARG B 250 -10.21 -40.32 2.76
N ASP B 251 -11.28 -40.44 1.97
CA ASP B 251 -11.89 -39.27 1.36
C ASP B 251 -12.53 -38.37 2.42
N LEU B 252 -13.25 -38.96 3.37
CA LEU B 252 -13.89 -38.16 4.41
C LEU B 252 -12.88 -37.34 5.18
N TYR B 253 -11.77 -37.97 5.59
CA TYR B 253 -10.81 -37.26 6.41
C TYR B 253 -9.99 -36.28 5.58
N TYR B 254 -9.76 -36.58 4.31
CA TYR B 254 -9.14 -35.58 3.44
C TYR B 254 -10.03 -34.35 3.32
N PHE B 255 -11.34 -34.56 3.25
CA PHE B 255 -12.27 -33.43 3.21
C PHE B 255 -12.25 -32.66 4.54
N LEU B 256 -12.18 -33.38 5.65
CA LEU B 256 -12.27 -32.72 6.96
C LEU B 256 -11.10 -31.79 7.21
N PHE B 257 -9.91 -32.12 6.69
CA PHE B 257 -8.74 -31.27 6.86
C PHE B 257 -8.54 -30.30 5.71
N ALA B 258 -9.37 -30.35 4.68
CA ALA B 258 -9.18 -29.49 3.52
C ALA B 258 -9.66 -28.08 3.80
N PRO B 259 -8.99 -27.07 3.26
CA PRO B 259 -9.39 -25.67 3.48
C PRO B 259 -10.59 -25.26 2.64
N THR B 260 -11.72 -25.94 2.86
CA THR B 260 -12.95 -25.62 2.16
C THR B 260 -14.11 -26.14 3.00
N LEU B 261 -15.27 -25.50 2.81
CA LEU B 261 -16.48 -25.89 3.53
C LEU B 261 -17.53 -26.50 2.63
N CYS B 262 -17.27 -26.63 1.33
CA CYS B 262 -18.21 -27.21 0.39
C CYS B 262 -17.67 -28.56 -0.06
N TYR B 263 -18.45 -29.61 0.15
CA TYR B 263 -18.01 -30.95 -0.19
C TYR B 263 -18.19 -31.21 -1.69
N GLU B 264 -17.22 -31.90 -2.26
CA GLU B 264 -17.31 -32.40 -3.63
C GLU B 264 -16.82 -33.84 -3.65
N LEU B 265 -17.07 -34.52 -4.75
CA LEU B 265 -16.61 -35.89 -4.88
C LEU B 265 -15.25 -35.98 -5.56
N ASN B 266 -14.89 -35.01 -6.38
CA ASN B 266 -13.59 -34.97 -7.04
C ASN B 266 -12.98 -33.58 -6.81
N PHE B 267 -12.01 -33.51 -5.93
CA PHE B 267 -11.35 -32.23 -5.70
C PHE B 267 -10.27 -32.00 -6.77
N PRO B 268 -10.05 -30.75 -7.16
CA PRO B 268 -8.93 -30.46 -8.04
C PRO B 268 -7.61 -30.50 -7.26
N ARG B 269 -6.59 -31.08 -7.88
CA ARG B 269 -5.33 -31.33 -7.21
C ARG B 269 -4.20 -30.60 -7.88
N SER B 270 -3.20 -30.20 -7.09
CA SER B 270 -1.99 -29.61 -7.60
C SER B 270 -1.02 -30.70 -8.03
N PRO B 271 -0.08 -30.39 -8.92
CA PRO B 271 0.81 -31.46 -9.42
C PRO B 271 1.82 -31.94 -8.41
N ARG B 272 2.37 -31.06 -7.58
CA ARG B 272 3.41 -31.45 -6.64
C ARG B 272 3.44 -30.46 -5.48
N ILE B 273 4.16 -30.84 -4.43
CA ILE B 273 4.33 -30.00 -3.26
C ILE B 273 5.57 -29.13 -3.45
N ARG B 274 5.38 -27.81 -3.41
CA ARG B 274 6.47 -26.87 -3.59
C ARG B 274 7.09 -26.56 -2.24
N LYS B 275 8.35 -26.96 -2.06
CA LYS B 275 8.99 -26.81 -0.75
C LYS B 275 9.32 -25.36 -0.44
N ARG B 276 9.75 -24.59 -1.45
CA ARG B 276 10.00 -23.17 -1.22
C ARG B 276 8.71 -22.45 -0.82
N PHE B 277 7.60 -22.83 -1.44
CA PHE B 277 6.31 -22.25 -1.08
C PHE B 277 5.98 -22.52 0.38
N LEU B 278 6.13 -23.79 0.80
CA LEU B 278 5.87 -24.14 2.19
C LEU B 278 6.78 -23.36 3.14
N LEU B 279 8.06 -23.23 2.77
CA LEU B 279 9.00 -22.51 3.63
C LEU B 279 8.59 -21.06 3.78
N ARG B 280 8.24 -20.41 2.66
CA ARG B 280 7.82 -19.02 2.73
C ARG B 280 6.54 -18.85 3.54
N ARG B 281 5.61 -19.79 3.42
CA ARG B 281 4.37 -19.67 4.18
C ARG B 281 4.61 -19.85 5.67
N ILE B 282 5.46 -20.81 6.05
CA ILE B 282 5.77 -21.00 7.46
C ILE B 282 6.51 -19.77 8.01
N LEU B 283 7.42 -19.21 7.23
CA LEU B 283 8.12 -18.00 7.68
C LEU B 283 7.15 -16.84 7.86
N GLU B 284 6.21 -16.68 6.94
CA GLU B 284 5.20 -15.64 7.09
C GLU B 284 4.37 -15.85 8.34
N MET B 285 3.96 -17.10 8.60
CA MET B 285 3.18 -17.38 9.81
C MET B 285 3.95 -16.98 11.06
N LEU B 286 5.20 -17.43 11.17
CA LEU B 286 5.99 -17.12 12.36
C LEU B 286 6.23 -15.62 12.50
N PHE B 287 6.58 -14.96 11.39
CA PHE B 287 6.89 -13.54 11.45
C PHE B 287 5.67 -12.73 11.88
N PHE B 288 4.51 -13.02 11.29
CA PHE B 288 3.32 -12.25 11.64
C PHE B 288 2.82 -12.60 13.04
N THR B 289 3.07 -13.81 13.52
CA THR B 289 2.77 -14.12 14.90
C THR B 289 3.60 -13.27 15.85
N GLN B 290 4.92 -13.20 15.61
CA GLN B 290 5.78 -12.34 16.42
C GLN B 290 5.34 -10.89 16.34
N LEU B 291 4.99 -10.43 15.13
CA LEU B 291 4.58 -9.04 14.95
C LEU B 291 3.30 -8.73 15.72
N GLN B 292 2.34 -9.65 15.70
CA GLN B 292 1.09 -9.41 16.43
C GLN B 292 1.31 -9.42 17.94
N VAL B 293 2.13 -10.35 18.44
CA VAL B 293 2.42 -10.35 19.87
C VAL B 293 3.10 -9.06 20.28
N GLY B 294 4.06 -8.60 19.46
CA GLY B 294 4.71 -7.33 19.75
C GLY B 294 3.74 -6.16 19.77
N LEU B 295 2.91 -6.08 18.72
CA LEU B 295 1.89 -5.02 18.65
C LEU B 295 1.05 -5.00 19.91
N ILE B 296 0.48 -6.16 20.28
CA ILE B 296 -0.37 -6.22 21.46
C ILE B 296 0.41 -5.73 22.68
N GLN B 297 1.47 -6.45 23.04
CA GLN B 297 2.15 -6.24 24.30
C GLN B 297 2.88 -4.89 24.39
N GLN B 298 3.06 -4.18 23.29
CA GLN B 298 3.75 -2.90 23.36
C GLN B 298 2.88 -1.70 22.99
N TRP B 299 1.67 -1.91 22.48
CA TRP B 299 0.82 -0.80 22.13
C TRP B 299 -0.53 -0.84 22.82
N MET B 300 -1.14 -2.01 22.98
CA MET B 300 -2.50 -2.07 23.51
C MET B 300 -2.56 -2.38 24.98
N VAL B 301 -1.61 -3.15 25.51
CA VAL B 301 -1.59 -3.46 26.94
C VAL B 301 -1.22 -2.21 27.73
N PRO B 302 -0.19 -1.44 27.34
CA PRO B 302 0.04 -0.18 28.05
C PRO B 302 -1.12 0.80 27.97
N THR B 303 -1.77 0.91 26.80
CA THR B 303 -2.90 1.83 26.68
C THR B 303 -4.07 1.39 27.55
N ILE B 304 -4.28 0.08 27.68
CA ILE B 304 -5.32 -0.42 28.56
C ILE B 304 -4.97 -0.14 30.01
N GLN B 305 -3.71 -0.36 30.38
CA GLN B 305 -3.26 -0.18 31.76
C GLN B 305 -3.20 1.29 32.17
N ASN B 306 -3.56 2.22 31.29
CA ASN B 306 -3.61 3.62 31.69
C ASN B 306 -4.68 3.84 32.76
N SER B 307 -5.84 3.20 32.59
CA SER B 307 -6.91 3.25 33.59
C SER B 307 -7.70 1.95 33.45
N MET B 308 -7.40 0.99 34.32
CA MET B 308 -8.00 -0.34 34.23
C MET B 308 -9.38 -0.31 34.86
N LYS B 309 -10.39 -0.15 34.03
CA LYS B 309 -11.80 -0.22 34.44
C LYS B 309 -12.57 -0.96 33.36
N PRO B 310 -13.63 -1.66 33.73
CA PRO B 310 -14.41 -2.39 32.75
C PRO B 310 -15.27 -1.44 31.92
N PHE B 311 -15.53 -1.84 30.66
CA PHE B 311 -16.39 -1.03 29.81
C PHE B 311 -17.82 -1.02 30.34
N LYS B 312 -18.27 -2.11 30.95
CA LYS B 312 -19.52 -2.08 31.66
C LYS B 312 -19.38 -1.20 32.90
N ASP B 313 -20.47 -0.53 33.26
CA ASP B 313 -20.48 0.44 34.36
C ASP B 313 -19.43 1.52 34.14
N MET B 314 -19.61 2.26 33.04
CA MET B 314 -18.70 3.34 32.67
C MET B 314 -19.43 4.28 31.73
N ASP B 315 -19.22 5.58 31.91
CA ASP B 315 -19.89 6.57 31.08
C ASP B 315 -19.52 6.40 29.62
N TYR B 316 -20.47 6.72 28.74
CA TYR B 316 -20.22 6.59 27.31
C TYR B 316 -19.09 7.49 26.84
N SER B 317 -18.93 8.65 27.47
CA SER B 317 -17.82 9.54 27.12
C SER B 317 -16.49 8.86 27.35
N ARG B 318 -16.32 8.23 28.52
CA ARG B 318 -15.08 7.52 28.79
C ARG B 318 -14.89 6.35 27.85
N ILE B 319 -15.99 5.66 27.51
CA ILE B 319 -15.90 4.52 26.61
C ILE B 319 -15.36 4.95 25.26
N ILE B 320 -15.92 6.03 24.70
CA ILE B 320 -15.48 6.48 23.39
C ILE B 320 -14.07 7.06 23.47
N GLU B 321 -13.76 7.78 24.55
CA GLU B 321 -12.42 8.34 24.70
C GLU B 321 -11.37 7.24 24.75
N ARG B 322 -11.69 6.12 25.38
CA ARG B 322 -10.72 5.02 25.45
C ARG B 322 -10.68 4.24 24.15
N LEU B 323 -11.81 4.09 23.47
CA LEU B 323 -11.83 3.35 22.22
C LEU B 323 -11.11 4.10 21.11
N LEU B 324 -11.06 5.44 21.20
CA LEU B 324 -10.34 6.20 20.19
C LEU B 324 -8.84 5.91 20.23
N LYS B 325 -8.30 5.60 21.40
CA LYS B 325 -6.88 5.29 21.51
C LYS B 325 -6.55 3.87 21.08
N LEU B 326 -7.54 3.00 20.96
CA LEU B 326 -7.32 1.60 20.62
C LEU B 326 -7.83 1.22 19.23
N ALA B 327 -8.59 2.09 18.57
CA ALA B 327 -9.17 1.73 17.29
C ALA B 327 -8.12 1.38 16.25
N VAL B 328 -6.97 2.05 16.26
CA VAL B 328 -5.96 1.85 15.23
C VAL B 328 -5.17 0.56 15.45
N PRO B 329 -4.57 0.32 16.62
CA PRO B 329 -3.84 -0.95 16.79
C PRO B 329 -4.72 -2.17 16.68
N ASN B 330 -5.97 -2.07 17.13
CA ASN B 330 -6.91 -3.17 16.95
C ASN B 330 -7.15 -3.45 15.47
N HIS B 331 -7.27 -2.40 14.67
CA HIS B 331 -7.43 -2.57 13.23
C HIS B 331 -6.21 -3.25 12.61
N LEU B 332 -5.01 -2.81 13.01
CA LEU B 332 -3.81 -3.46 12.49
C LEU B 332 -3.75 -4.92 12.90
N ILE B 333 -4.18 -5.23 14.12
CA ILE B 333 -4.17 -6.61 14.59
C ILE B 333 -5.12 -7.45 13.75
N TRP B 334 -6.30 -6.90 13.42
CA TRP B 334 -7.25 -7.66 12.61
C TRP B 334 -6.73 -7.84 11.18
N LEU B 335 -6.04 -6.85 10.64
CA LEU B 335 -5.45 -7.01 9.32
C LEU B 335 -4.40 -8.11 9.32
N ILE B 336 -3.54 -8.15 10.33
CA ILE B 336 -2.54 -9.20 10.40
C ILE B 336 -3.20 -10.56 10.61
N PHE B 337 -4.29 -10.60 11.40
CA PHE B 337 -5.06 -11.82 11.54
C PHE B 337 -5.51 -12.33 10.18
N PHE B 338 -6.17 -11.46 9.41
CA PHE B 338 -6.63 -11.87 8.09
C PHE B 338 -5.49 -12.41 7.25
N TYR B 339 -4.39 -11.67 7.15
CA TYR B 339 -3.33 -12.09 6.27
C TYR B 339 -2.74 -13.42 6.71
N TRP B 340 -2.29 -13.51 7.96
CA TRP B 340 -1.61 -14.73 8.38
C TRP B 340 -2.54 -15.91 8.56
N LEU B 341 -3.86 -15.70 8.55
CA LEU B 341 -4.78 -16.82 8.68
C LEU B 341 -5.35 -17.28 7.34
N PHE B 342 -5.83 -16.35 6.52
CA PHE B 342 -6.50 -16.70 5.27
C PHE B 342 -5.55 -16.84 4.10
N HIS B 343 -4.35 -16.28 4.16
CA HIS B 343 -3.39 -16.45 3.08
C HIS B 343 -2.32 -17.48 3.42
N SER B 344 -1.57 -17.28 4.51
CA SER B 344 -0.40 -18.11 4.74
C SER B 344 -0.78 -19.46 5.32
N CYS B 345 -1.62 -19.49 6.36
CA CYS B 345 -1.97 -20.76 6.99
C CYS B 345 -2.75 -21.65 6.03
N LEU B 346 -3.76 -21.10 5.37
CA LEU B 346 -4.57 -21.90 4.47
C LEU B 346 -3.77 -22.36 3.26
N ASN B 347 -2.87 -21.53 2.75
CA ASN B 347 -2.04 -21.97 1.63
C ASN B 347 -1.04 -23.03 2.06
N ALA B 348 -0.52 -22.93 3.28
CA ALA B 348 0.38 -23.98 3.78
C ALA B 348 -0.37 -25.30 3.89
N VAL B 349 -1.58 -25.28 4.42
CA VAL B 349 -2.36 -26.50 4.55
C VAL B 349 -2.68 -27.06 3.16
N ALA B 350 -3.15 -26.21 2.24
CA ALA B 350 -3.50 -26.67 0.91
C ALA B 350 -2.28 -27.21 0.17
N GLU B 351 -1.11 -26.64 0.42
CA GLU B 351 0.11 -27.13 -0.23
C GLU B 351 0.53 -28.46 0.35
N LEU B 352 0.39 -28.63 1.66
CA LEU B 352 0.67 -29.93 2.26
C LEU B 352 -0.27 -30.99 1.73
N MET B 353 -1.52 -30.64 1.47
CA MET B 353 -2.52 -31.59 1.02
C MET B 353 -2.66 -31.66 -0.49
N GLN B 354 -1.93 -30.83 -1.23
CA GLN B 354 -2.10 -30.70 -2.68
C GLN B 354 -3.55 -30.37 -3.03
N PHE B 355 -4.05 -29.30 -2.43
CA PHE B 355 -5.38 -28.82 -2.76
C PHE B 355 -5.29 -27.85 -3.94
N GLY B 356 -6.20 -28.01 -4.90
CA GLY B 356 -6.14 -27.21 -6.10
C GLY B 356 -6.66 -25.80 -5.94
N ASP B 357 -7.94 -25.66 -5.63
CA ASP B 357 -8.55 -24.33 -5.55
C ASP B 357 -8.00 -23.58 -4.35
N ARG B 358 -7.36 -22.44 -4.60
CA ARG B 358 -6.78 -21.61 -3.55
C ARG B 358 -7.38 -20.22 -3.54
N GLU B 359 -8.65 -20.11 -3.95
CA GLU B 359 -9.36 -18.83 -3.91
C GLU B 359 -10.05 -18.72 -2.55
N PHE B 360 -9.27 -18.28 -1.56
CA PHE B 360 -9.77 -18.13 -0.21
C PHE B 360 -10.29 -16.73 0.09
N TYR B 361 -10.13 -15.79 -0.84
CA TYR B 361 -10.58 -14.43 -0.64
C TYR B 361 -10.52 -13.71 -1.98
N ARG B 362 -11.16 -12.55 -2.05
CA ARG B 362 -11.10 -11.73 -3.24
C ARG B 362 -10.73 -10.31 -2.87
N ASP B 363 -10.79 -9.40 -3.83
CA ASP B 363 -10.36 -8.03 -3.57
C ASP B 363 -11.38 -7.29 -2.72
N TRP B 364 -11.45 -7.64 -1.44
CA TRP B 364 -12.33 -6.89 -0.54
C TRP B 364 -11.79 -5.50 -0.25
N TRP B 365 -10.47 -5.30 -0.37
CA TRP B 365 -9.89 -3.99 -0.14
C TRP B 365 -10.33 -2.96 -1.17
N ASN B 366 -10.74 -3.41 -2.36
CA ASN B 366 -11.24 -2.54 -3.40
C ASN B 366 -12.75 -2.39 -3.38
N SER B 367 -13.38 -2.68 -2.24
CA SER B 367 -14.83 -2.62 -2.17
C SER B 367 -15.31 -1.18 -2.16
N GLU B 368 -16.44 -0.95 -2.82
CA GLU B 368 -17.07 0.36 -2.86
C GLU B 368 -18.40 0.39 -2.12
N SER B 369 -18.73 -0.69 -1.41
CA SER B 369 -19.91 -0.77 -0.59
C SER B 369 -19.72 -1.91 0.39
N VAL B 370 -20.49 -1.88 1.47
CA VAL B 370 -20.29 -2.87 2.53
C VAL B 370 -20.66 -4.27 2.05
N THR B 371 -21.66 -4.39 1.17
CA THR B 371 -22.09 -5.71 0.73
C THR B 371 -21.01 -6.42 -0.06
N TYR B 372 -20.29 -5.69 -0.93
CA TYR B 372 -19.19 -6.29 -1.65
C TYR B 372 -18.13 -6.81 -0.70
N PHE B 373 -17.84 -6.06 0.36
CA PHE B 373 -16.86 -6.51 1.34
C PHE B 373 -17.33 -7.76 2.06
N TRP B 374 -18.59 -7.79 2.48
CA TRP B 374 -19.11 -8.95 3.18
C TRP B 374 -19.14 -10.17 2.29
N GLN B 375 -19.30 -9.98 0.99
CA GLN B 375 -19.30 -11.12 0.08
C GLN B 375 -17.90 -11.62 -0.22
N ASN B 376 -16.92 -10.72 -0.30
CA ASN B 376 -15.61 -11.08 -0.84
C ASN B 376 -14.51 -11.18 0.19
N TRP B 377 -14.80 -10.98 1.48
CA TRP B 377 -13.72 -11.07 2.46
C TRP B 377 -13.44 -12.51 2.88
N ASN B 378 -14.45 -13.38 2.80
CA ASN B 378 -14.30 -14.79 3.18
C ASN B 378 -15.05 -15.62 2.15
N ILE B 379 -14.30 -16.27 1.26
CA ILE B 379 -14.89 -17.02 0.15
C ILE B 379 -15.39 -18.39 0.60
N PRO B 380 -14.70 -19.13 1.47
CA PRO B 380 -15.29 -20.41 1.93
C PRO B 380 -16.69 -20.26 2.53
N VAL B 381 -16.86 -19.36 3.49
CA VAL B 381 -18.18 -19.20 4.10
C VAL B 381 -19.18 -18.62 3.11
N HIS B 382 -18.73 -17.77 2.20
CA HIS B 382 -19.65 -17.25 1.18
C HIS B 382 -20.15 -18.37 0.27
N LYS B 383 -19.23 -19.23 -0.18
CA LYS B 383 -19.63 -20.38 -0.98
C LYS B 383 -20.59 -21.27 -0.22
N TRP B 384 -20.32 -21.51 1.07
CA TRP B 384 -21.22 -22.35 1.85
C TRP B 384 -22.61 -21.72 1.93
N CYS B 385 -22.68 -20.44 2.29
CA CYS B 385 -23.98 -19.79 2.44
C CYS B 385 -24.74 -19.77 1.12
N ILE B 386 -24.03 -19.60 0.01
CA ILE B 386 -24.70 -19.54 -1.29
C ILE B 386 -25.19 -20.91 -1.71
N ARG B 387 -24.37 -21.95 -1.49
CA ARG B 387 -24.66 -23.26 -2.07
C ARG B 387 -25.62 -24.07 -1.20
N HIS B 388 -25.51 -23.96 0.12
CA HIS B 388 -26.28 -24.80 1.02
C HIS B 388 -27.35 -24.08 1.81
N PHE B 389 -27.28 -22.76 1.95
CA PHE B 389 -28.20 -22.01 2.76
C PHE B 389 -29.06 -21.05 1.97
N TYR B 390 -28.47 -20.29 1.05
CA TYR B 390 -29.22 -19.28 0.30
C TYR B 390 -30.01 -19.92 -0.83
N LYS B 391 -29.33 -20.59 -1.75
CA LYS B 391 -29.96 -21.13 -2.94
C LYS B 391 -30.94 -22.26 -2.64
N PRO B 392 -30.66 -23.18 -1.71
CA PRO B 392 -31.71 -24.14 -1.33
C PRO B 392 -32.93 -23.46 -0.73
N MET B 393 -32.75 -22.38 0.02
CA MET B 393 -33.89 -21.67 0.58
C MET B 393 -34.69 -20.98 -0.53
N LEU B 394 -34.00 -20.49 -1.56
CA LEU B 394 -34.71 -19.85 -2.66
C LEU B 394 -35.44 -20.86 -3.53
N ARG B 395 -34.84 -22.03 -3.74
CA ARG B 395 -35.46 -23.06 -4.56
C ARG B 395 -36.72 -23.64 -3.91
N ARG B 396 -36.84 -23.55 -2.60
CA ARG B 396 -38.04 -24.02 -1.93
C ARG B 396 -39.15 -22.97 -1.90
N GLY B 397 -38.86 -21.74 -2.29
CA GLY B 397 -39.87 -20.70 -2.36
C GLY B 397 -39.82 -19.74 -1.19
N SER B 398 -39.19 -18.60 -1.38
CA SER B 398 -39.07 -17.56 -0.37
C SER B 398 -38.44 -16.33 -1.01
N SER B 399 -38.83 -15.16 -0.51
CA SER B 399 -38.28 -13.92 -1.02
C SER B 399 -36.82 -13.79 -0.61
N LYS B 400 -36.06 -13.02 -1.39
CA LYS B 400 -34.65 -12.81 -1.07
C LYS B 400 -34.48 -12.16 0.28
N TRP B 401 -35.45 -11.34 0.70
CA TRP B 401 -35.35 -10.67 1.99
C TRP B 401 -35.33 -11.67 3.13
N MET B 402 -36.16 -12.71 3.05
CA MET B 402 -36.19 -13.72 4.10
C MET B 402 -34.87 -14.47 4.19
N ALA B 403 -34.29 -14.83 3.05
CA ALA B 403 -33.02 -15.54 3.06
C ALA B 403 -31.90 -14.67 3.60
N ARG B 404 -31.90 -13.38 3.24
CA ARG B 404 -30.88 -12.48 3.77
C ARG B 404 -31.05 -12.32 5.29
N THR B 405 -32.28 -12.23 5.76
CA THR B 405 -32.51 -12.17 7.21
C THR B 405 -32.03 -13.45 7.89
N GLY B 406 -32.25 -14.59 7.26
CA GLY B 406 -31.77 -15.85 7.83
C GLY B 406 -30.26 -15.89 7.93
N VAL B 407 -29.57 -15.45 6.88
CA VAL B 407 -28.11 -15.41 6.92
C VAL B 407 -27.64 -14.46 8.01
N PHE B 408 -28.29 -13.30 8.14
CA PHE B 408 -27.92 -12.34 9.17
C PHE B 408 -28.08 -12.95 10.57
N LEU B 409 -29.20 -13.63 10.82
CA LEU B 409 -29.42 -14.22 12.12
C LEU B 409 -28.43 -15.35 12.41
N ALA B 410 -28.12 -16.16 11.41
CA ALA B 410 -27.14 -17.22 11.62
C ALA B 410 -25.76 -16.66 11.91
N SER B 411 -25.38 -15.59 11.21
CA SER B 411 -24.08 -14.97 11.47
C SER B 411 -24.04 -14.35 12.86
N ALA B 412 -25.14 -13.73 13.29
CA ALA B 412 -25.18 -13.19 14.65
C ALA B 412 -25.06 -14.30 15.69
N PHE B 413 -25.77 -15.41 15.48
CA PHE B 413 -25.69 -16.51 16.41
C PHE B 413 -24.27 -17.06 16.49
N PHE B 414 -23.60 -17.18 15.34
CA PHE B 414 -22.26 -17.74 15.38
C PHE B 414 -21.25 -16.76 15.94
N HIS B 415 -21.47 -15.46 15.75
CA HIS B 415 -20.66 -14.47 16.44
C HIS B 415 -20.78 -14.63 17.95
N GLU B 416 -22.01 -14.77 18.45
CA GLU B 416 -22.21 -15.01 19.87
C GLU B 416 -21.51 -16.30 20.31
N TYR B 417 -21.75 -17.39 19.58
CA TYR B 417 -21.17 -18.68 19.91
C TYR B 417 -19.65 -18.61 19.98
N LEU B 418 -19.03 -17.79 19.14
CA LEU B 418 -17.57 -17.77 19.07
C LEU B 418 -16.93 -16.73 19.97
N VAL B 419 -17.67 -15.72 20.42
CA VAL B 419 -17.11 -14.66 21.26
C VAL B 419 -17.58 -14.78 22.70
N SER B 420 -18.88 -14.85 22.92
CA SER B 420 -19.40 -14.79 24.29
C SER B 420 -19.09 -16.06 25.06
N VAL B 421 -19.21 -17.22 24.43
CA VAL B 421 -19.08 -18.50 25.13
C VAL B 421 -17.65 -18.73 25.62
N PRO B 422 -16.60 -18.56 24.80
CA PRO B 422 -15.25 -18.79 25.33
C PRO B 422 -14.86 -17.81 26.44
N LEU B 423 -15.53 -16.66 26.54
CA LEU B 423 -15.29 -15.72 27.62
C LEU B 423 -16.33 -15.80 28.73
N ARG B 424 -17.41 -16.56 28.53
CA ARG B 424 -18.50 -16.65 29.49
C ARG B 424 -19.04 -15.26 29.83
N MET B 425 -19.09 -14.39 28.83
CA MET B 425 -19.49 -13.00 28.99
C MET B 425 -20.55 -12.68 27.96
N PHE B 426 -21.80 -12.54 28.39
CA PHE B 426 -22.93 -12.32 27.48
C PHE B 426 -23.42 -10.89 27.65
N ARG B 427 -23.04 -10.04 26.70
CA ARG B 427 -23.50 -8.66 26.64
C ARG B 427 -24.24 -8.42 25.34
N LEU B 428 -24.74 -7.21 25.17
CA LEU B 428 -25.48 -6.82 23.98
C LEU B 428 -24.64 -6.06 22.98
N TRP B 429 -23.31 -6.14 23.06
CA TRP B 429 -22.46 -5.31 22.21
C TRP B 429 -22.37 -5.88 20.80
N ALA B 430 -22.10 -7.19 20.68
CA ALA B 430 -21.95 -7.78 19.35
C ALA B 430 -23.24 -7.69 18.55
N PHE B 431 -24.37 -7.89 19.21
CA PHE B 431 -25.65 -7.87 18.50
C PHE B 431 -25.96 -6.47 17.97
N THR B 432 -25.81 -5.44 18.81
CA THR B 432 -26.08 -4.09 18.34
C THR B 432 -25.03 -3.63 17.33
N GLY B 433 -23.81 -4.15 17.40
CA GLY B 433 -22.84 -3.85 16.35
C GLY B 433 -23.28 -4.42 15.01
N MET B 434 -23.62 -5.71 14.99
CA MET B 434 -24.11 -6.33 13.77
C MET B 434 -25.40 -5.66 13.28
N MET B 435 -26.19 -5.12 14.20
CA MET B 435 -27.41 -4.42 13.80
C MET B 435 -27.10 -3.08 13.15
N ALA B 436 -26.31 -2.25 13.83
CA ALA B 436 -25.92 -0.96 13.28
C ALA B 436 -25.13 -1.11 11.99
N GLN B 437 -24.60 -2.29 11.71
CA GLN B 437 -23.96 -2.51 10.42
C GLN B 437 -24.91 -2.33 9.24
N ILE B 438 -26.22 -2.42 9.44
CA ILE B 438 -27.19 -2.34 8.34
C ILE B 438 -27.38 -0.90 7.87
N PRO B 439 -27.79 0.06 8.71
CA PRO B 439 -27.99 1.42 8.20
C PRO B 439 -26.70 2.05 7.72
N LEU B 440 -25.57 1.66 8.31
CA LEU B 440 -24.28 2.07 7.77
C LEU B 440 -24.11 1.59 6.34
N ALA B 441 -24.48 0.34 6.07
CA ALA B 441 -24.39 -0.19 4.72
C ALA B 441 -25.29 0.58 3.76
N TRP B 442 -26.53 0.83 4.18
CA TRP B 442 -27.44 1.61 3.34
C TRP B 442 -26.87 2.98 3.04
N PHE B 443 -26.31 3.64 4.05
CA PHE B 443 -25.77 4.98 3.86
C PHE B 443 -24.58 4.98 2.91
N VAL B 444 -23.63 4.07 3.13
CA VAL B 444 -22.46 4.00 2.25
C VAL B 444 -22.87 3.65 0.83
N GLY B 445 -23.94 2.87 0.66
CA GLY B 445 -24.39 2.54 -0.67
C GLY B 445 -25.10 3.69 -1.37
N ARG B 446 -25.87 4.47 -0.62
CA ARG B 446 -26.72 5.50 -1.21
C ARG B 446 -26.09 6.88 -1.20
N PHE B 447 -24.88 7.03 -0.67
CA PHE B 447 -24.31 8.38 -0.64
C PHE B 447 -22.93 8.49 -1.28
N PHE B 448 -22.12 7.44 -1.18
CA PHE B 448 -20.73 7.50 -1.62
C PHE B 448 -20.52 6.63 -2.85
N GLN B 449 -19.50 6.98 -3.64
CA GLN B 449 -19.19 6.28 -4.87
C GLN B 449 -17.73 6.51 -5.20
N GLY B 450 -17.14 5.60 -5.96
CA GLY B 450 -15.76 5.75 -6.37
C GLY B 450 -14.78 5.47 -5.25
N ASN B 451 -13.77 6.32 -5.11
CA ASN B 451 -12.80 6.13 -4.03
C ASN B 451 -13.37 6.55 -2.69
N TYR B 452 -14.38 7.41 -2.68
CA TYR B 452 -14.98 7.83 -1.42
C TYR B 452 -15.77 6.69 -0.79
N GLY B 453 -16.40 5.85 -1.61
CA GLY B 453 -17.03 4.65 -1.07
C GLY B 453 -16.02 3.71 -0.45
N ASN B 454 -14.86 3.56 -1.09
CA ASN B 454 -13.83 2.70 -0.53
C ASN B 454 -13.26 3.27 0.76
N ALA B 455 -13.12 4.60 0.83
CA ALA B 455 -12.68 5.21 2.07
C ALA B 455 -13.71 5.02 3.17
N ALA B 456 -15.00 5.13 2.83
CA ALA B 456 -16.05 4.93 3.82
C ALA B 456 -16.05 3.48 4.32
N VAL B 457 -15.79 2.53 3.43
CA VAL B 457 -15.72 1.13 3.86
C VAL B 457 -14.51 0.91 4.76
N TRP B 458 -13.37 1.49 4.40
CA TRP B 458 -12.19 1.36 5.25
C TRP B 458 -12.41 1.99 6.61
N LEU B 459 -13.20 3.05 6.67
CA LEU B 459 -13.50 3.68 7.95
C LEU B 459 -14.51 2.86 8.74
N SER B 460 -15.44 2.20 8.06
CA SER B 460 -16.40 1.33 8.73
C SER B 460 -15.75 0.08 9.27
N LEU B 461 -14.65 -0.36 8.67
CA LEU B 461 -13.91 -1.48 9.24
C LEU B 461 -13.21 -1.13 10.54
N ILE B 462 -12.90 0.14 10.76
CA ILE B 462 -12.18 0.56 11.96
C ILE B 462 -13.11 0.72 13.14
N ILE B 463 -14.32 1.22 12.91
CA ILE B 463 -15.27 1.48 13.98
C ILE B 463 -16.46 0.54 13.85
N GLY B 464 -16.25 -0.63 13.25
CA GLY B 464 -17.33 -1.56 13.03
C GLY B 464 -17.37 -2.70 14.03
N GLN B 465 -17.23 -3.93 13.54
CA GLN B 465 -17.29 -5.13 14.36
C GLN B 465 -16.01 -5.37 15.17
N PRO B 466 -14.82 -5.11 14.61
CA PRO B 466 -13.61 -5.22 15.45
C PRO B 466 -13.70 -4.47 16.76
N ILE B 467 -14.39 -3.34 16.79
CA ILE B 467 -14.58 -2.62 18.05
C ILE B 467 -15.46 -3.43 18.99
N ALA B 468 -16.50 -4.07 18.46
CA ALA B 468 -17.38 -4.88 19.29
C ALA B 468 -16.69 -6.12 19.83
N VAL B 469 -15.64 -6.59 19.18
CA VAL B 469 -14.87 -7.70 19.74
C VAL B 469 -13.82 -7.19 20.72
N LEU B 470 -13.24 -6.02 20.43
CA LEU B 470 -12.26 -5.42 21.32
C LEU B 470 -12.87 -5.09 22.66
N MET B 471 -14.13 -4.66 22.68
CA MET B 471 -14.77 -4.37 23.97
C MET B 471 -14.85 -5.62 24.83
N TYR B 472 -15.27 -6.75 24.24
CA TYR B 472 -15.31 -8.01 24.98
C TYR B 472 -13.93 -8.38 25.51
N VAL B 473 -12.92 -8.35 24.64
CA VAL B 473 -11.59 -8.81 25.05
C VAL B 473 -11.02 -7.89 26.12
N HIS B 474 -11.25 -6.58 26.00
CA HIS B 474 -10.76 -5.64 26.99
C HIS B 474 -11.43 -5.88 28.35
N ASP B 475 -12.75 -6.03 28.34
CA ASP B 475 -13.45 -6.27 29.60
C ASP B 475 -12.97 -7.55 30.26
N TYR B 476 -12.71 -8.59 29.46
CA TYR B 476 -12.23 -9.83 30.05
C TYR B 476 -10.83 -9.66 30.61
N TYR B 477 -9.95 -9.00 29.86
CA TYR B 477 -8.58 -8.80 30.34
C TYR B 477 -8.53 -7.97 31.61
N VAL B 478 -9.46 -7.03 31.76
CA VAL B 478 -9.51 -6.23 32.98
C VAL B 478 -10.06 -7.05 34.14
N LEU B 479 -11.17 -7.75 33.91
CA LEU B 479 -11.83 -8.45 35.00
C LEU B 479 -11.05 -9.67 35.47
N ASN B 480 -10.22 -10.26 34.62
CA ASN B 480 -9.61 -11.55 34.93
C ASN B 480 -8.09 -11.57 34.86
N TYR B 481 -7.48 -10.73 34.04
CA TYR B 481 -6.03 -10.71 33.83
C TYR B 481 -5.49 -11.99 33.17
#